data_4H69
#
_entry.id   4H69
#
_cell.length_a   68.414
_cell.length_b   115.570
_cell.length_c   87.040
_cell.angle_alpha   90.000
_cell.angle_beta   92.290
_cell.angle_gamma   90.000
#
_symmetry.space_group_name_H-M   'P 1 21 1'
#
loop_
_entity.id
_entity.type
_entity.pdbx_description
1 polymer 'Allene oxide cyclase'
2 non-polymer 'PHOSPHATE ION'
3 non-polymer '(9Z)-11-{(2R,3S)-3-[(2Z)-pent-2-en-1-yl]oxiran-2-yl}undec-9-enoic acid'
4 non-polymer 'ISOPROPYL ALCOHOL'
5 water water
#
_entity_poly.entity_id   1
_entity_poly.type   'polypeptide(L)'
_entity_poly.pdbx_seq_one_letter_code
;GGPLGSMGNKVDKLAGVQELSVYEINERDRGSPVILPFGGKKDENGAHANSLGDLVPFSNKVYDGSLQRRLGITAGICTL
ISHNAEKKGDRYEAQYSFYFGDYGHISVQGPYITYEDTELVVTGGTGIFAGCHGVAKLHQIIFPVKLFYTFYLQGIKKLP
EELCASVVPPSPSAEPSEQAKKCHPSSVAPNFTN
;
_entity_poly.pdbx_strand_id   A,B,C,D,E,F
#
# COMPACT_ATOMS: atom_id res chain seq x y z
N GLY A 2 -9.48 -12.89 47.87
CA GLY A 2 -8.48 -12.48 48.84
C GLY A 2 -7.08 -12.68 48.30
N PRO A 3 -6.07 -12.31 49.10
CA PRO A 3 -4.68 -12.39 48.64
C PRO A 3 -4.27 -13.82 48.26
N LEU A 4 -4.57 -14.77 49.14
CA LEU A 4 -4.15 -16.14 48.90
C LEU A 4 -4.99 -16.82 47.83
N GLY A 5 -6.20 -16.34 47.63
CA GLY A 5 -7.05 -16.81 46.56
C GLY A 5 -6.53 -16.34 45.21
N SER A 6 -6.23 -15.04 45.12
CA SER A 6 -5.72 -14.47 43.89
C SER A 6 -4.46 -15.23 43.46
N MET A 7 -3.52 -15.37 44.38
CA MET A 7 -2.30 -16.10 44.10
C MET A 7 -2.57 -17.55 43.68
N GLY A 8 -3.37 -18.25 44.48
CA GLY A 8 -3.76 -19.61 44.15
C GLY A 8 -4.31 -19.74 42.74
N ASN A 9 -5.24 -18.85 42.38
CA ASN A 9 -5.86 -18.88 41.05
C ASN A 9 -4.85 -18.66 39.92
N LYS A 10 -3.92 -17.74 40.13
CA LYS A 10 -2.87 -17.51 39.14
C LYS A 10 -2.05 -18.78 38.95
N VAL A 11 -1.68 -19.42 40.04
CA VAL A 11 -0.90 -20.66 39.98
C VAL A 11 -1.70 -21.80 39.32
N ASP A 12 -2.98 -21.92 39.67
CA ASP A 12 -3.87 -22.91 39.06
C ASP A 12 -3.79 -22.85 37.54
N LYS A 13 -3.88 -21.64 37.00
CA LYS A 13 -3.87 -21.44 35.56
C LYS A 13 -2.53 -21.83 34.96
N LEU A 14 -1.45 -21.36 35.58
CA LEU A 14 -0.10 -21.67 35.10
C LEU A 14 0.16 -23.18 35.03
N ALA A 15 -0.37 -23.91 36.01
CA ALA A 15 -0.14 -25.35 36.08
C ALA A 15 -1.26 -26.18 35.46
N GLY A 16 -2.40 -25.55 35.18
CA GLY A 16 -3.58 -26.28 34.73
C GLY A 16 -3.46 -26.88 33.34
N VAL A 17 -4.01 -28.07 33.17
N VAL A 17 -4.01 -28.07 33.18
CA VAL A 17 -3.97 -28.79 31.90
CA VAL A 17 -3.97 -28.76 31.89
C VAL A 17 -5.36 -29.10 31.38
C VAL A 17 -5.39 -29.07 31.38
N GLN A 18 -5.60 -28.87 30.09
CA GLN A 18 -6.89 -29.16 29.48
C GLN A 18 -6.68 -30.02 28.24
N GLU A 19 -7.60 -30.96 27.98
CA GLU A 19 -7.50 -31.78 26.78
C GLU A 19 -8.36 -31.25 25.64
N LEU A 20 -7.92 -31.53 24.42
CA LEU A 20 -8.59 -31.07 23.21
C LEU A 20 -8.35 -32.10 22.13
N SER A 21 -9.41 -32.73 21.64
CA SER A 21 -9.29 -33.75 20.59
C SER A 21 -9.76 -33.21 19.25
N VAL A 22 -9.03 -33.55 18.19
CA VAL A 22 -9.40 -33.19 16.81
C VAL A 22 -9.08 -34.32 15.83
N TYR A 23 -9.71 -34.28 14.66
CA TYR A 23 -9.45 -35.25 13.60
C TYR A 23 -8.71 -34.57 12.45
N GLU A 24 -7.66 -35.22 11.95
CA GLU A 24 -6.95 -34.73 10.77
C GLU A 24 -7.25 -35.67 9.61
N ILE A 25 -7.79 -35.12 8.52
CA ILE A 25 -8.17 -35.92 7.37
C ILE A 25 -7.63 -35.35 6.06
N ASN A 26 -6.85 -36.16 5.34
CA ASN A 26 -6.42 -35.82 3.98
C ASN A 26 -7.50 -36.18 2.99
N GLU A 27 -8.28 -35.20 2.54
CA GLU A 27 -9.37 -35.47 1.61
C GLU A 27 -8.92 -35.45 0.14
N ARG A 28 -7.61 -35.48 -0.07
CA ARG A 28 -7.02 -35.55 -1.42
C ARG A 28 -7.59 -34.50 -2.37
N ASP A 29 -7.71 -33.27 -1.88
CA ASP A 29 -8.22 -32.19 -2.69
C ASP A 29 -7.32 -30.95 -2.61
N ARG A 30 -6.17 -31.10 -1.96
CA ARG A 30 -5.27 -29.97 -1.74
C ARG A 30 -3.90 -30.18 -2.38
N GLY A 31 -3.78 -31.20 -3.22
CA GLY A 31 -2.48 -31.55 -3.81
C GLY A 31 -1.46 -32.00 -2.78
N SER A 32 -1.94 -32.47 -1.63
CA SER A 32 -1.06 -32.87 -0.53
C SER A 32 -1.18 -34.37 -0.23
N PRO A 33 -0.06 -35.01 0.18
CA PRO A 33 1.25 -34.41 0.46
C PRO A 33 2.10 -34.31 -0.80
N VAL A 34 3.18 -33.53 -0.72
CA VAL A 34 4.12 -33.45 -1.83
C VAL A 34 5.41 -34.15 -1.45
N ILE A 35 5.95 -34.95 -2.36
CA ILE A 35 7.20 -35.64 -2.08
C ILE A 35 8.37 -34.96 -2.75
N LEU A 36 9.32 -34.51 -1.94
CA LEU A 36 10.57 -33.95 -2.44
C LEU A 36 11.66 -35.00 -2.24
N PRO A 37 11.85 -35.86 -3.26
CA PRO A 37 12.66 -37.08 -3.18
C PRO A 37 14.15 -36.77 -3.12
N PHE A 38 14.51 -35.75 -2.35
CA PHE A 38 15.87 -35.23 -2.32
C PHE A 38 16.92 -36.26 -1.87
N GLY A 39 16.46 -37.28 -1.16
CA GLY A 39 17.35 -38.38 -0.81
C GLY A 39 17.84 -39.08 -2.07
N GLY A 40 18.88 -39.87 -1.94
CA GLY A 40 19.44 -40.58 -3.08
C GLY A 40 18.39 -41.36 -3.86
N GLU A 44 13.74 -49.51 -8.85
CA GLU A 44 14.51 -49.81 -10.05
C GLU A 44 14.73 -48.58 -10.92
N ASN A 45 15.28 -48.80 -12.11
CA ASN A 45 15.40 -47.76 -13.11
C ASN A 45 14.15 -46.90 -13.16
N GLY A 46 14.30 -45.61 -12.88
CA GLY A 46 13.18 -44.69 -12.87
C GLY A 46 12.18 -45.05 -11.80
N ALA A 47 12.67 -45.38 -10.61
CA ALA A 47 11.82 -45.70 -9.46
C ALA A 47 12.36 -45.08 -8.18
N HIS A 48 11.47 -44.48 -7.39
CA HIS A 48 11.87 -43.81 -6.16
C HIS A 48 12.08 -44.81 -5.03
N ALA A 49 13.07 -44.53 -4.18
CA ALA A 49 13.31 -45.31 -2.97
C ALA A 49 13.55 -44.37 -1.80
N ASN A 50 12.82 -44.59 -0.71
CA ASN A 50 12.97 -43.76 0.48
C ASN A 50 14.39 -43.74 1.01
N SER A 51 14.87 -42.56 1.38
CA SER A 51 16.15 -42.43 2.07
C SER A 51 16.21 -41.14 2.89
N LEU A 52 17.07 -41.13 3.91
CA LEU A 52 17.27 -39.94 4.72
C LEU A 52 17.39 -38.70 3.85
N GLY A 53 16.64 -37.65 4.18
CA GLY A 53 16.72 -36.43 3.42
C GLY A 53 15.49 -36.10 2.60
N ASP A 54 14.72 -37.12 2.24
CA ASP A 54 13.46 -36.89 1.55
C ASP A 54 12.60 -35.97 2.42
N LEU A 55 12.06 -34.92 1.81
CA LEU A 55 11.24 -33.97 2.53
C LEU A 55 9.79 -34.04 2.05
N VAL A 56 8.85 -33.90 2.98
CA VAL A 56 7.44 -34.07 2.68
C VAL A 56 6.60 -32.92 3.23
N PRO A 57 6.42 -31.85 2.43
CA PRO A 57 5.49 -30.78 2.81
C PRO A 57 4.06 -31.30 2.73
N PHE A 58 3.19 -30.84 3.62
CA PHE A 58 1.82 -31.34 3.64
C PHE A 58 0.86 -30.34 4.26
N SER A 59 -0.43 -30.53 3.98
CA SER A 59 -1.50 -29.73 4.53
C SER A 59 -2.83 -30.47 4.44
N ASN A 60 -3.43 -30.79 5.58
CA ASN A 60 -4.69 -31.55 5.64
C ASN A 60 -5.80 -30.77 6.34
N LYS A 61 -7.02 -31.29 6.29
CA LYS A 61 -8.15 -30.64 6.95
C LYS A 61 -8.29 -31.05 8.42
N VAL A 62 -8.81 -30.13 9.24
CA VAL A 62 -9.00 -30.39 10.66
C VAL A 62 -10.48 -30.23 11.07
N TYR A 63 -11.04 -31.27 11.68
CA TYR A 63 -12.41 -31.24 12.18
C TYR A 63 -12.39 -31.39 13.71
N ASP A 64 -13.47 -31.01 14.40
CA ASP A 64 -13.50 -31.11 15.86
C ASP A 64 -13.71 -32.55 16.34
N GLY A 65 -13.62 -32.76 17.65
CA GLY A 65 -13.73 -34.09 18.22
C GLY A 65 -15.06 -34.77 17.91
N SER A 66 -16.12 -33.98 17.82
CA SER A 66 -17.44 -34.53 17.55
C SER A 66 -17.65 -34.77 16.07
N LEU A 67 -16.72 -34.30 15.25
CA LEU A 67 -16.78 -34.45 13.79
C LEU A 67 -17.97 -33.72 13.14
N GLN A 68 -18.55 -32.77 13.85
CA GLN A 68 -19.66 -31.99 13.32
C GLN A 68 -19.24 -30.60 12.86
N ARG A 69 -17.96 -30.28 12.98
CA ARG A 69 -17.49 -28.93 12.65
C ARG A 69 -16.11 -28.90 12.00
N ARG A 70 -16.01 -28.24 10.86
CA ARG A 70 -14.73 -27.98 10.21
C ARG A 70 -14.04 -26.83 10.92
N LEU A 71 -12.83 -27.07 11.43
CA LEU A 71 -12.10 -26.08 12.22
C LEU A 71 -11.04 -25.36 11.40
N GLY A 72 -10.26 -26.11 10.64
CA GLY A 72 -9.19 -25.51 9.86
C GLY A 72 -8.34 -26.52 9.11
N ILE A 73 -7.02 -26.39 9.26
CA ILE A 73 -6.07 -27.24 8.55
C ILE A 73 -4.82 -27.46 9.37
N THR A 74 -4.04 -28.48 9.00
CA THR A 74 -2.65 -28.58 9.40
C THR A 74 -1.78 -28.01 8.29
N ALA A 75 -0.59 -27.55 8.65
CA ALA A 75 0.38 -27.10 7.65
C ALA A 75 1.80 -27.24 8.17
N GLY A 76 2.68 -27.85 7.36
CA GLY A 76 4.08 -28.00 7.75
C GLY A 76 4.89 -28.97 6.90
N ILE A 77 5.91 -29.55 7.50
CA ILE A 77 6.83 -30.44 6.80
C ILE A 77 7.32 -31.61 7.65
N CYS A 78 7.58 -32.74 7.00
CA CYS A 78 8.22 -33.89 7.62
C CYS A 78 9.54 -34.17 6.89
N THR A 79 10.54 -34.62 7.65
CA THR A 79 11.80 -35.08 7.08
C THR A 79 12.00 -36.58 7.37
N LEU A 80 12.23 -37.37 6.33
CA LEU A 80 12.48 -38.80 6.50
C LEU A 80 13.79 -39.06 7.24
N ILE A 81 13.75 -39.84 8.31
CA ILE A 81 14.93 -40.10 9.13
C ILE A 81 15.50 -41.50 8.94
N SER A 82 14.63 -42.50 9.07
CA SER A 82 15.05 -43.89 8.90
C SER A 82 13.91 -44.74 8.34
N HIS A 83 14.26 -45.87 7.74
CA HIS A 83 13.26 -46.70 7.08
C HIS A 83 13.83 -48.07 6.71
N ASN A 84 12.94 -49.01 6.42
CA ASN A 84 13.33 -50.27 5.82
C ASN A 84 12.19 -50.87 5.01
N ALA A 85 12.32 -52.14 4.64
CA ALA A 85 11.35 -52.80 3.76
C ALA A 85 9.97 -53.00 4.39
N GLU A 86 9.88 -52.84 5.71
CA GLU A 86 8.62 -53.03 6.41
C GLU A 86 7.73 -51.78 6.35
N LYS A 87 6.42 -51.97 6.26
CA LYS A 87 5.49 -50.84 6.25
C LYS A 87 5.64 -50.07 7.55
N LYS A 88 5.66 -50.80 8.65
CA LYS A 88 5.67 -50.21 9.99
C LYS A 88 7.08 -49.79 10.41
N GLY A 89 7.19 -48.60 11.00
CA GLY A 89 8.43 -48.22 11.64
C GLY A 89 9.26 -47.12 10.99
N ASP A 90 8.87 -46.66 9.79
CA ASP A 90 9.60 -45.56 9.17
C ASP A 90 9.46 -44.32 10.05
N ARG A 91 10.59 -43.65 10.33
CA ARG A 91 10.57 -42.48 11.21
C ARG A 91 10.78 -41.17 10.46
N TYR A 92 9.88 -40.23 10.68
CA TYR A 92 10.01 -38.85 10.21
C TYR A 92 10.13 -37.87 11.39
N GLU A 93 10.87 -36.78 11.20
CA GLU A 93 10.87 -35.67 12.15
C GLU A 93 10.03 -34.55 11.55
N ALA A 94 9.06 -34.05 12.31
CA ALA A 94 8.08 -33.11 11.76
C ALA A 94 7.98 -31.79 12.52
N GLN A 95 7.67 -30.74 11.77
CA GLN A 95 7.35 -29.45 12.37
C GLN A 95 6.14 -28.90 11.63
N TYR A 96 5.05 -28.68 12.36
CA TYR A 96 3.83 -28.18 11.73
C TYR A 96 2.86 -27.53 12.70
N SER A 97 1.81 -26.93 12.17
CA SER A 97 0.84 -26.22 13.01
C SER A 97 -0.59 -26.62 12.69
N PHE A 98 -1.46 -26.48 13.68
CA PHE A 98 -2.89 -26.72 13.54
C PHE A 98 -3.59 -25.36 13.56
N TYR A 99 -4.31 -25.02 12.50
CA TYR A 99 -5.04 -23.76 12.41
C TYR A 99 -6.53 -23.92 12.73
N PHE A 100 -7.03 -23.10 13.65
CA PHE A 100 -8.41 -23.19 14.12
C PHE A 100 -9.23 -21.94 13.77
N GLY A 101 -9.07 -21.41 12.56
CA GLY A 101 -9.76 -20.17 12.21
C GLY A 101 -9.45 -19.07 13.20
N ASP A 102 -10.45 -18.25 13.53
CA ASP A 102 -10.25 -17.11 14.42
C ASP A 102 -9.85 -17.49 15.84
N TYR A 103 -9.97 -18.76 16.20
CA TYR A 103 -9.56 -19.21 17.54
C TYR A 103 -8.03 -19.10 17.73
N GLY A 104 -7.27 -19.21 16.65
CA GLY A 104 -5.83 -19.20 16.73
C GLY A 104 -5.22 -20.50 16.22
N HIS A 105 -3.95 -20.74 16.54
CA HIS A 105 -3.27 -21.95 16.08
C HIS A 105 -2.39 -22.58 17.16
N ILE A 106 -2.09 -23.87 16.99
CA ILE A 106 -1.17 -24.59 17.88
C ILE A 106 0.01 -25.13 17.06
N SER A 107 1.23 -24.92 17.52
CA SER A 107 2.41 -25.45 16.82
C SER A 107 2.98 -26.71 17.49
N VAL A 108 3.47 -27.65 16.69
CA VAL A 108 4.04 -28.87 17.24
C VAL A 108 5.37 -29.27 16.58
N GLN A 109 6.14 -30.12 17.27
CA GLN A 109 7.45 -30.54 16.82
C GLN A 109 7.71 -31.93 17.40
N GLY A 110 8.13 -32.88 16.58
CA GLY A 110 8.36 -34.23 17.07
C GLY A 110 8.25 -35.36 16.06
N PRO A 111 8.16 -36.60 16.55
CA PRO A 111 8.21 -37.80 15.70
C PRO A 111 6.89 -38.18 15.02
N TYR A 112 7.00 -38.61 13.78
CA TYR A 112 5.89 -39.23 13.08
C TYR A 112 6.41 -40.58 12.58
N ILE A 113 5.78 -41.66 13.03
CA ILE A 113 6.26 -43.00 12.71
C ILE A 113 5.15 -43.83 12.06
N THR A 114 5.44 -44.39 10.89
CA THR A 114 4.42 -45.13 10.14
C THR A 114 3.84 -46.29 10.96
N TYR A 115 2.52 -46.28 11.12
CA TYR A 115 1.79 -47.34 11.83
C TYR A 115 2.11 -47.41 13.32
N GLU A 116 2.53 -46.29 13.90
CA GLU A 116 2.75 -46.23 15.34
C GLU A 116 2.21 -44.94 15.93
N ASP A 117 1.66 -45.02 17.13
CA ASP A 117 1.27 -43.83 17.88
C ASP A 117 2.54 -43.12 18.36
N THR A 118 2.54 -41.80 18.35
CA THR A 118 3.65 -41.03 18.90
C THR A 118 3.14 -39.82 19.67
N GLU A 119 4.04 -39.18 20.40
CA GLU A 119 3.71 -37.98 21.13
C GLU A 119 4.58 -36.83 20.65
N LEU A 120 3.97 -35.70 20.36
CA LEU A 120 4.71 -34.54 19.89
C LEU A 120 4.74 -33.44 20.93
N VAL A 121 5.74 -32.56 20.83
CA VAL A 121 5.81 -31.37 21.66
C VAL A 121 4.87 -30.29 21.16
N VAL A 122 4.09 -29.70 22.06
CA VAL A 122 3.35 -28.49 21.71
C VAL A 122 4.24 -27.29 22.01
N THR A 123 4.74 -26.64 20.97
CA THR A 123 5.73 -25.58 21.17
C THR A 123 5.09 -24.25 21.57
N GLY A 124 3.77 -24.16 21.44
CA GLY A 124 3.07 -22.95 21.82
C GLY A 124 1.83 -22.75 20.97
N GLY A 125 1.17 -21.59 21.12
CA GLY A 125 -0.03 -21.29 20.36
C GLY A 125 -0.33 -19.81 20.27
N THR A 126 -1.38 -19.45 19.53
CA THR A 126 -1.83 -18.06 19.44
C THR A 126 -3.32 -17.97 19.70
N GLY A 127 -3.85 -16.76 19.77
CA GLY A 127 -5.25 -16.55 20.07
C GLY A 127 -5.59 -17.12 21.43
N ILE A 128 -6.61 -17.98 21.50
CA ILE A 128 -7.01 -18.59 22.77
C ILE A 128 -5.96 -19.59 23.27
N PHE A 129 -5.04 -19.98 22.40
CA PHE A 129 -3.97 -20.91 22.77
C PHE A 129 -2.67 -20.20 23.15
N ALA A 130 -2.69 -18.87 23.13
CA ALA A 130 -1.49 -18.07 23.42
C ALA A 130 -0.78 -18.48 24.71
N GLY A 131 0.51 -18.77 24.60
CA GLY A 131 1.32 -19.11 25.77
C GLY A 131 1.18 -20.54 26.28
N CYS A 132 0.45 -21.39 25.57
CA CYS A 132 0.28 -22.76 26.03
C CYS A 132 1.59 -23.53 25.91
N HIS A 133 1.70 -24.62 26.66
CA HIS A 133 2.71 -25.63 26.39
C HIS A 133 2.19 -27.01 26.78
N GLY A 134 2.87 -28.06 26.35
CA GLY A 134 2.39 -29.41 26.62
C GLY A 134 2.71 -30.38 25.51
N VAL A 135 1.80 -31.32 25.26
CA VAL A 135 2.04 -32.40 24.32
C VAL A 135 0.80 -32.75 23.47
N ALA A 136 1.05 -33.31 22.29
CA ALA A 136 -0.03 -33.84 21.45
C ALA A 136 0.16 -35.34 21.21
N LYS A 137 -0.89 -36.11 21.44
CA LYS A 137 -0.86 -37.54 21.17
C LYS A 137 -1.44 -37.83 19.79
N LEU A 138 -0.62 -38.42 18.92
CA LEU A 138 -0.99 -38.69 17.54
C LEU A 138 -1.35 -40.15 17.39
N HIS A 139 -2.58 -40.41 16.91
CA HIS A 139 -3.04 -41.77 16.66
C HIS A 139 -3.51 -41.91 15.22
N GLN A 140 -2.93 -42.87 14.50
CA GLN A 140 -3.27 -43.11 13.10
C GLN A 140 -4.45 -44.08 13.02
N ILE A 141 -5.51 -43.66 12.34
CA ILE A 141 -6.70 -44.48 12.19
C ILE A 141 -6.68 -45.23 10.86
N ILE A 142 -6.51 -44.48 9.77
CA ILE A 142 -6.26 -45.07 8.46
C ILE A 142 -5.01 -44.43 7.86
N PHE A 143 -3.90 -45.16 7.90
CA PHE A 143 -2.65 -44.65 7.35
C PHE A 143 -2.74 -44.49 5.84
N PRO A 144 -2.38 -43.30 5.31
CA PRO A 144 -1.94 -42.11 6.05
C PRO A 144 -2.95 -40.97 5.92
N VAL A 145 -4.20 -41.27 5.61
CA VAL A 145 -5.17 -40.22 5.29
C VAL A 145 -6.11 -39.81 6.44
N LYS A 146 -6.12 -40.56 7.53
CA LYS A 146 -7.02 -40.21 8.63
C LYS A 146 -6.36 -40.38 9.99
N LEU A 147 -6.14 -39.28 10.69
CA LEU A 147 -5.49 -39.29 12.00
C LEU A 147 -6.34 -38.64 13.10
N PHE A 148 -6.02 -38.98 14.34
CA PHE A 148 -6.71 -38.43 15.52
C PHE A 148 -5.66 -37.91 16.49
N TYR A 149 -5.94 -36.76 17.11
CA TYR A 149 -5.02 -36.17 18.07
C TYR A 149 -5.76 -35.83 19.36
N THR A 150 -5.10 -35.99 20.48
CA THR A 150 -5.53 -35.34 21.72
C THR A 150 -4.39 -34.46 22.24
N PHE A 151 -4.62 -33.15 22.30
CA PHE A 151 -3.67 -32.21 22.91
C PHE A 151 -3.86 -32.14 24.42
N TYR A 152 -2.77 -32.08 25.17
CA TYR A 152 -2.82 -31.81 26.61
C TYR A 152 -2.15 -30.48 26.87
N LEU A 153 -2.96 -29.44 27.03
CA LEU A 153 -2.49 -28.07 27.00
C LEU A 153 -2.43 -27.43 28.38
N GLN A 154 -1.24 -26.93 28.73
CA GLN A 154 -1.01 -26.31 30.03
C GLN A 154 -0.92 -24.79 29.88
N GLY A 155 -1.46 -24.07 30.86
CA GLY A 155 -1.20 -22.64 30.99
C GLY A 155 -2.17 -21.65 30.37
N ILE A 156 -3.33 -22.10 29.90
CA ILE A 156 -4.27 -21.18 29.24
C ILE A 156 -5.67 -21.16 29.86
N LYS A 157 -6.49 -20.20 29.41
CA LYS A 157 -7.86 -20.04 29.90
C LYS A 157 -8.76 -21.18 29.44
N LYS A 158 -9.84 -21.40 30.18
CA LYS A 158 -10.80 -22.44 29.84
C LYS A 158 -11.23 -22.39 28.38
N LEU A 159 -11.09 -23.53 27.70
CA LEU A 159 -11.48 -23.65 26.30
C LEU A 159 -12.98 -23.45 26.09
N PRO A 160 -13.36 -22.81 24.98
CA PRO A 160 -14.78 -22.61 24.66
C PRO A 160 -15.47 -23.93 24.38
N GLU A 161 -16.78 -23.99 24.65
CA GLU A 161 -17.52 -25.25 24.62
C GLU A 161 -17.66 -25.88 23.25
N GLU A 162 -17.62 -25.07 22.19
CA GLU A 162 -17.71 -25.62 20.83
C GLU A 162 -16.48 -26.43 20.43
N LEU A 163 -15.39 -26.30 21.19
CA LEU A 163 -14.20 -27.10 20.94
C LEU A 163 -14.15 -28.31 21.86
N CYS A 164 -15.15 -28.42 22.73
CA CYS A 164 -15.18 -29.47 23.75
C CYS A 164 -16.41 -30.37 23.66
N ALA A 165 -16.98 -30.49 22.47
CA ALA A 165 -18.13 -31.37 22.27
C ALA A 165 -17.74 -32.83 22.49
N SER A 166 -18.72 -33.67 22.81
CA SER A 166 -18.49 -35.10 22.99
C SER A 166 -17.72 -35.68 21.81
N VAL A 167 -16.65 -36.41 22.11
CA VAL A 167 -15.75 -36.91 21.08
C VAL A 167 -16.25 -38.23 20.48
N VAL A 168 -16.28 -38.31 19.16
CA VAL A 168 -16.56 -39.59 18.50
C VAL A 168 -15.35 -40.48 18.68
N PRO A 169 -15.56 -41.71 19.16
CA PRO A 169 -14.40 -42.60 19.33
C PRO A 169 -13.71 -42.89 18.00
N PRO A 170 -12.38 -42.81 17.97
CA PRO A 170 -11.61 -42.90 16.73
C PRO A 170 -11.65 -44.31 16.14
N SER A 171 -12.27 -44.45 14.98
CA SER A 171 -12.26 -45.71 14.25
C SER A 171 -12.31 -45.41 12.76
N PRO A 172 -11.95 -46.39 11.92
CA PRO A 172 -11.96 -46.21 10.47
C PRO A 172 -13.29 -45.69 9.92
N SER A 173 -14.41 -45.99 10.59
CA SER A 173 -15.72 -45.55 10.13
C SER A 173 -16.08 -44.13 10.56
N ALA A 174 -15.25 -43.51 11.40
CA ALA A 174 -15.53 -42.15 11.84
C ALA A 174 -15.43 -41.16 10.68
N GLU A 175 -16.52 -40.44 10.42
CA GLU A 175 -16.59 -39.52 9.28
C GLU A 175 -17.18 -38.17 9.69
N PRO A 176 -16.70 -37.08 9.07
CA PRO A 176 -17.26 -35.74 9.31
C PRO A 176 -18.70 -35.70 8.85
N SER A 177 -19.54 -34.87 9.47
CA SER A 177 -20.91 -34.74 9.00
C SER A 177 -20.92 -34.17 7.59
N GLU A 178 -22.00 -34.42 6.87
CA GLU A 178 -22.16 -33.89 5.53
C GLU A 178 -22.04 -32.37 5.52
N GLN A 179 -22.63 -31.72 6.51
CA GLN A 179 -22.61 -30.27 6.62
C GLN A 179 -21.21 -29.73 6.87
N ALA A 180 -20.43 -30.46 7.65
CA ALA A 180 -19.05 -30.07 7.93
C ALA A 180 -18.19 -30.23 6.68
N LYS A 181 -18.37 -31.34 5.97
CA LYS A 181 -17.60 -31.59 4.75
C LYS A 181 -17.84 -30.46 3.76
N LYS A 182 -19.10 -30.02 3.68
CA LYS A 182 -19.48 -28.98 2.72
C LYS A 182 -19.23 -27.58 3.26
N CYS A 183 -18.71 -27.49 4.49
CA CYS A 183 -18.43 -26.19 5.10
C CYS A 183 -19.67 -25.31 5.20
N HIS A 184 -20.79 -25.88 5.65
CA HIS A 184 -21.99 -25.11 5.93
C HIS A 184 -21.74 -24.16 7.10
N PRO A 185 -22.29 -22.94 7.02
CA PRO A 185 -22.06 -21.90 8.03
C PRO A 185 -22.37 -22.36 9.46
N SER A 186 -23.30 -23.29 9.60
CA SER A 186 -23.65 -23.79 10.92
C SER A 186 -22.65 -24.84 11.39
N SER A 187 -21.66 -25.16 10.55
CA SER A 187 -20.76 -26.27 10.85
C SER A 187 -19.29 -25.96 10.63
N VAL A 188 -18.91 -24.69 10.77
CA VAL A 188 -17.51 -24.28 10.66
C VAL A 188 -17.07 -23.39 11.80
N ALA A 189 -15.77 -23.34 12.06
CA ALA A 189 -15.21 -22.37 13.00
C ALA A 189 -15.32 -20.97 12.39
N PRO A 190 -15.36 -19.93 13.23
CA PRO A 190 -15.40 -18.56 12.72
C PRO A 190 -14.23 -18.32 11.77
N ASN A 191 -14.54 -17.97 10.52
CA ASN A 191 -13.51 -17.85 9.49
C ASN A 191 -12.55 -19.04 9.49
N PHE A 192 -13.11 -20.25 9.47
CA PHE A 192 -12.32 -21.48 9.44
C PHE A 192 -11.17 -21.40 8.44
N THR A 193 -10.04 -21.98 8.78
CA THR A 193 -8.86 -21.91 7.91
C THR A 193 -8.97 -22.87 6.73
N ASN A 194 -8.61 -22.39 5.55
CA ASN A 194 -8.65 -23.23 4.35
C ASN A 194 -7.51 -22.89 3.40
N GLY B 2 8.37 -10.73 52.60
CA GLY B 2 8.69 -11.95 53.33
C GLY B 2 8.27 -13.19 52.56
N PRO B 3 7.63 -14.15 53.25
CA PRO B 3 7.21 -15.42 52.66
C PRO B 3 6.21 -15.25 51.52
N LEU B 4 5.13 -14.52 51.77
CA LEU B 4 4.14 -14.30 50.73
C LEU B 4 4.64 -13.31 49.67
N GLY B 5 5.57 -12.45 50.06
CA GLY B 5 6.18 -11.55 49.11
C GLY B 5 7.01 -12.32 48.09
N SER B 6 7.85 -13.21 48.59
CA SER B 6 8.71 -14.02 47.74
C SER B 6 7.88 -14.83 46.73
N MET B 7 6.90 -15.57 47.24
CA MET B 7 6.05 -16.40 46.39
C MET B 7 5.33 -15.58 45.33
N GLY B 8 4.72 -14.47 45.75
CA GLY B 8 4.02 -13.60 44.84
C GLY B 8 4.91 -13.11 43.71
N ASN B 9 6.06 -12.57 44.07
CA ASN B 9 7.05 -12.13 43.08
C ASN B 9 7.42 -13.23 42.07
N LYS B 10 7.63 -14.44 42.58
CA LYS B 10 7.95 -15.58 41.73
C LYS B 10 6.81 -15.84 40.74
N VAL B 11 5.58 -15.82 41.22
CA VAL B 11 4.42 -15.99 40.37
C VAL B 11 4.30 -14.83 39.37
N ASP B 12 4.60 -13.62 39.84
CA ASP B 12 4.55 -12.43 38.99
C ASP B 12 5.46 -12.55 37.78
N LYS B 13 6.61 -13.19 37.98
CA LYS B 13 7.56 -13.37 36.88
C LYS B 13 7.06 -14.42 35.91
N LEU B 14 6.62 -15.55 36.46
CA LEU B 14 6.07 -16.65 35.68
C LEU B 14 4.91 -16.21 34.78
N ALA B 15 4.08 -15.29 35.28
CA ALA B 15 2.89 -14.86 34.54
C ALA B 15 3.07 -13.58 33.73
N GLY B 16 4.12 -12.81 34.02
CA GLY B 16 4.26 -11.48 33.47
C GLY B 16 4.56 -11.45 31.98
N VAL B 17 4.05 -10.44 31.28
CA VAL B 17 4.27 -10.30 29.84
C VAL B 17 4.85 -8.93 29.50
N GLN B 18 5.84 -8.92 28.62
CA GLN B 18 6.53 -7.69 28.22
C GLN B 18 6.50 -7.57 26.70
N GLU B 19 6.34 -6.34 26.21
CA GLU B 19 6.36 -6.08 24.78
C GLU B 19 7.76 -5.74 24.31
N LEU B 20 8.10 -6.24 23.12
CA LEU B 20 9.37 -5.91 22.49
C LEU B 20 9.13 -5.77 20.98
N SER B 21 9.44 -4.61 20.42
CA SER B 21 9.23 -4.37 19.00
C SER B 21 10.52 -4.23 18.21
N VAL B 22 10.55 -4.81 17.02
CA VAL B 22 11.71 -4.72 16.13
C VAL B 22 11.29 -4.55 14.67
N TYR B 23 12.23 -4.11 13.84
CA TYR B 23 12.02 -4.04 12.40
C TYR B 23 12.85 -5.10 11.69
N GLU B 24 12.25 -5.83 10.74
CA GLU B 24 12.99 -6.73 9.87
C GLU B 24 13.01 -6.15 8.46
N ILE B 25 14.21 -5.94 7.93
CA ILE B 25 14.36 -5.28 6.64
C ILE B 25 15.25 -6.11 5.71
N ASN B 26 14.75 -6.40 4.51
CA ASN B 26 15.56 -7.03 3.48
C ASN B 26 16.31 -5.96 2.70
N GLU B 27 17.62 -5.84 2.92
CA GLU B 27 18.39 -4.78 2.29
C GLU B 27 19.08 -5.21 0.99
N ARG B 28 18.62 -6.33 0.45
CA ARG B 28 19.01 -6.73 -0.90
C ARG B 28 20.53 -7.09 -0.99
N ASP B 29 21.15 -7.45 0.13
CA ASP B 29 22.61 -7.64 0.15
C ASP B 29 23.14 -9.01 0.60
N ARG B 30 22.27 -9.82 1.20
CA ARG B 30 22.68 -11.12 1.73
C ARG B 30 22.31 -12.26 0.78
N GLY B 31 21.88 -11.91 -0.43
CA GLY B 31 21.49 -12.91 -1.41
C GLY B 31 20.22 -13.63 -0.99
N SER B 32 19.45 -13.00 -0.10
CA SER B 32 18.21 -13.56 0.40
C SER B 32 17.02 -12.96 -0.35
N PRO B 33 15.93 -13.71 -0.49
CA PRO B 33 15.81 -15.11 -0.07
C PRO B 33 16.18 -16.04 -1.20
N VAL B 34 16.11 -17.34 -0.97
CA VAL B 34 16.29 -18.32 -2.03
C VAL B 34 14.95 -18.94 -2.38
N ILE B 35 14.42 -18.58 -3.56
CA ILE B 35 13.13 -19.07 -4.01
C ILE B 35 13.25 -20.20 -5.03
N ALA B 49 7.44 -20.34 -5.69
CA ALA B 49 6.40 -19.31 -5.77
C ALA B 49 5.13 -19.86 -6.37
N ASN B 50 5.23 -21.01 -7.03
CA ASN B 50 4.10 -21.61 -7.72
C ASN B 50 3.80 -23.01 -7.22
N SER B 51 2.63 -23.53 -7.56
CA SER B 51 2.17 -24.81 -7.02
C SER B 51 2.29 -24.81 -5.50
N LEU B 52 2.91 -25.85 -4.94
CA LEU B 52 2.99 -26.01 -3.50
C LEU B 52 4.15 -26.94 -3.10
N GLY B 53 4.82 -26.64 -1.99
CA GLY B 53 5.94 -27.44 -1.54
C GLY B 53 7.29 -26.78 -1.77
N ASP B 54 7.29 -25.63 -2.43
CA ASP B 54 8.50 -24.85 -2.62
C ASP B 54 9.07 -24.41 -1.27
N LEU B 55 10.40 -24.43 -1.17
CA LEU B 55 11.08 -24.06 0.06
C LEU B 55 11.84 -22.74 -0.12
N VAL B 56 11.83 -21.91 0.92
CA VAL B 56 12.50 -20.60 0.82
C VAL B 56 13.31 -20.30 2.08
N PRO B 57 14.60 -20.66 2.07
CA PRO B 57 15.51 -20.23 3.13
C PRO B 57 15.67 -18.72 3.07
N PHE B 58 15.89 -18.06 4.20
CA PHE B 58 16.04 -16.60 4.18
C PHE B 58 16.78 -16.05 5.39
N SER B 59 17.28 -14.84 5.25
CA SER B 59 17.93 -14.12 6.35
C SER B 59 17.95 -12.63 6.04
N ASN B 60 17.34 -11.84 6.93
CA ASN B 60 17.28 -10.40 6.77
C ASN B 60 17.89 -9.69 7.97
N LYS B 61 17.97 -8.37 7.94
CA LYS B 61 18.54 -7.61 9.06
C LYS B 61 17.48 -7.19 10.08
N VAL B 62 17.87 -7.14 11.34
CA VAL B 62 16.97 -6.74 12.42
C VAL B 62 17.46 -5.49 13.14
N TYR B 63 16.60 -4.48 13.23
CA TYR B 63 16.90 -3.23 13.94
C TYR B 63 15.94 -3.09 15.12
N ASP B 64 16.28 -2.22 16.08
CA ASP B 64 15.44 -2.06 17.26
C ASP B 64 14.22 -1.20 16.93
N GLY B 65 13.28 -1.17 17.88
CA GLY B 65 12.04 -0.43 17.68
C GLY B 65 12.22 1.03 17.33
N SER B 66 13.29 1.63 17.83
CA SER B 66 13.52 3.06 17.60
C SER B 66 14.27 3.29 16.30
N LEU B 67 14.70 2.21 15.67
CA LEU B 67 15.41 2.28 14.39
C LEU B 67 16.78 2.97 14.48
N GLN B 68 17.31 3.08 15.70
CA GLN B 68 18.62 3.71 15.92
C GLN B 68 19.73 2.69 16.17
N ARG B 69 19.37 1.41 16.26
CA ARG B 69 20.35 0.38 16.59
C ARG B 69 20.16 -0.88 15.77
N ARG B 70 21.24 -1.36 15.17
CA ARG B 70 21.25 -2.63 14.44
C ARG B 70 21.47 -3.76 15.44
N LEU B 71 20.52 -4.69 15.53
CA LEU B 71 20.56 -5.72 16.57
C LEU B 71 21.12 -7.05 16.08
N GLY B 72 20.74 -7.46 14.87
CA GLY B 72 21.20 -8.72 14.33
C GLY B 72 20.55 -9.09 13.02
N ILE B 73 20.01 -10.31 12.97
CA ILE B 73 19.39 -10.83 11.76
C ILE B 73 18.27 -11.80 12.10
N THR B 74 17.47 -12.13 11.09
CA THR B 74 16.61 -13.31 11.12
C THR B 74 17.30 -14.40 10.33
N ALA B 75 16.93 -15.66 10.60
CA ALA B 75 17.44 -16.79 9.86
C ALA B 75 16.51 -17.99 10.00
N GLY B 76 16.19 -18.64 8.89
CA GLY B 76 15.31 -19.79 8.91
C GLY B 76 14.73 -20.14 7.55
N ILE B 77 13.57 -20.80 7.55
CA ILE B 77 12.96 -21.26 6.30
C ILE B 77 11.44 -21.10 6.30
N CYS B 78 10.88 -20.94 5.10
CA CYS B 78 9.43 -20.94 4.86
C CYS B 78 9.10 -22.03 3.85
N THR B 79 8.00 -22.73 4.07
CA THR B 79 7.53 -23.75 3.14
C THR B 79 6.19 -23.32 2.56
N LEU B 80 6.08 -23.26 1.24
CA LEU B 80 4.86 -22.79 0.60
C LEU B 80 3.75 -23.83 0.79
N ILE B 81 2.58 -23.38 1.20
CA ILE B 81 1.47 -24.30 1.50
C ILE B 81 0.33 -24.21 0.49
N SER B 82 -0.10 -23.00 0.17
CA SER B 82 -1.19 -22.82 -0.79
C SER B 82 -1.14 -21.46 -1.48
N HIS B 83 -1.88 -21.37 -2.59
CA HIS B 83 -2.06 -20.10 -3.29
C HIS B 83 -3.50 -19.61 -3.13
N ASN B 84 -3.66 -18.30 -2.92
CA ASN B 84 -5.00 -17.70 -2.88
C ASN B 84 -5.19 -16.71 -4.02
N ALA B 85 -5.98 -17.10 -5.01
CA ALA B 85 -6.22 -16.25 -6.18
C ALA B 85 -6.94 -14.94 -5.86
N GLU B 86 -7.98 -15.03 -5.03
CA GLU B 86 -8.79 -13.87 -4.68
C GLU B 86 -8.00 -12.82 -3.94
N LYS B 87 -7.13 -13.26 -3.03
CA LYS B 87 -6.29 -12.34 -2.27
C LYS B 87 -4.94 -12.15 -2.93
N LYS B 88 -4.71 -12.87 -4.03
CA LYS B 88 -3.47 -12.74 -4.77
C LYS B 88 -2.24 -12.94 -3.89
N GLY B 89 -2.26 -13.98 -3.07
CA GLY B 89 -1.21 -14.23 -2.11
C GLY B 89 -0.98 -15.70 -1.80
N ASP B 90 0.12 -16.00 -1.11
CA ASP B 90 0.46 -17.36 -0.73
C ASP B 90 0.64 -17.57 0.78
N ARG B 91 0.23 -18.74 1.27
CA ARG B 91 0.45 -19.15 2.66
C ARG B 91 1.72 -19.97 2.79
N TYR B 92 2.58 -19.55 3.70
CA TYR B 92 3.74 -20.37 4.07
C TYR B 92 3.65 -20.85 5.51
N GLU B 93 4.39 -21.90 5.83
CA GLU B 93 4.60 -22.30 7.23
C GLU B 93 6.09 -22.07 7.52
N ALA B 94 6.37 -21.30 8.57
CA ALA B 94 7.72 -20.79 8.81
C ALA B 94 8.31 -21.27 10.14
N GLN B 95 9.62 -21.53 10.13
CA GLN B 95 10.37 -21.70 11.37
C GLN B 95 11.65 -20.88 11.26
N TYR B 96 11.82 -19.93 12.17
CA TYR B 96 13.01 -19.08 12.13
C TYR B 96 13.31 -18.39 13.45
N SER B 97 14.49 -17.78 13.53
CA SER B 97 14.94 -17.16 14.76
C SER B 97 15.36 -15.71 14.53
N PHE B 98 15.20 -14.89 15.57
CA PHE B 98 15.70 -13.52 15.60
C PHE B 98 16.95 -13.46 16.48
N TYR B 99 18.09 -13.08 15.89
CA TYR B 99 19.34 -12.99 16.64
C TYR B 99 19.66 -11.56 17.07
N PHE B 100 19.93 -11.38 18.37
CA PHE B 100 20.18 -10.05 18.95
C PHE B 100 21.61 -9.88 19.46
N GLY B 101 22.60 -10.42 18.76
CA GLY B 101 23.96 -10.39 19.27
C GLY B 101 24.06 -11.06 20.65
N ASP B 102 24.82 -10.45 21.56
CA ASP B 102 25.11 -11.07 22.86
C ASP B 102 23.90 -11.18 23.79
N TYR B 103 22.83 -10.47 23.48
CA TYR B 103 21.59 -10.57 24.27
C TYR B 103 20.98 -11.97 24.21
N GLY B 104 21.20 -12.66 23.08
CA GLY B 104 20.60 -13.97 22.86
C GLY B 104 19.70 -13.96 21.64
N HIS B 105 18.81 -14.95 21.52
CA HIS B 105 17.91 -15.01 20.38
C HIS B 105 16.52 -15.45 20.77
N ILE B 106 15.56 -15.24 19.87
CA ILE B 106 14.17 -15.66 20.05
C ILE B 106 13.74 -16.52 18.85
N SER B 107 13.15 -17.68 19.12
CA SER B 107 12.70 -18.55 18.04
C SER B 107 11.18 -18.49 17.85
N VAL B 108 10.73 -18.60 16.60
CA VAL B 108 9.30 -18.56 16.28
C VAL B 108 8.90 -19.65 15.31
N GLN B 109 7.59 -19.90 15.22
CA GLN B 109 7.02 -20.95 14.39
C GLN B 109 5.57 -20.56 14.10
N GLY B 110 5.12 -20.76 12.87
CA GLY B 110 3.74 -20.44 12.52
C GLY B 110 3.57 -19.89 11.12
N PRO B 111 2.45 -19.18 10.89
CA PRO B 111 2.04 -18.75 9.55
C PRO B 111 2.74 -17.51 9.05
N TYR B 112 3.11 -17.55 7.76
CA TYR B 112 3.70 -16.43 7.07
C TYR B 112 2.91 -16.30 5.77
N ILE B 113 2.11 -15.25 5.66
CA ILE B 113 1.16 -15.11 4.56
C ILE B 113 1.35 -13.80 3.81
N THR B 114 1.59 -13.87 2.51
CA THR B 114 2.05 -12.70 1.76
C THR B 114 1.04 -11.56 1.70
N TYR B 115 -0.25 -11.88 1.82
CA TYR B 115 -1.31 -10.89 1.69
C TYR B 115 -1.93 -10.36 2.99
N GLU B 116 -1.36 -10.70 4.14
CA GLU B 116 -1.91 -10.20 5.40
C GLU B 116 -0.99 -10.38 6.62
N ASP B 117 -1.28 -9.64 7.69
CA ASP B 117 -0.55 -9.79 8.94
C ASP B 117 -0.91 -11.13 9.56
N THR B 118 0.02 -11.69 10.35
CA THR B 118 -0.24 -12.93 11.08
C THR B 118 0.36 -12.88 12.48
N GLU B 119 0.04 -13.90 13.26
CA GLU B 119 0.62 -14.08 14.58
C GLU B 119 1.35 -15.42 14.65
N LEU B 120 2.60 -15.39 15.12
CA LEU B 120 3.41 -16.59 15.23
C LEU B 120 3.64 -17.00 16.68
N VAL B 121 3.97 -18.27 16.88
CA VAL B 121 4.33 -18.76 18.20
C VAL B 121 5.78 -18.40 18.53
N VAL B 122 5.99 -17.85 19.72
CA VAL B 122 7.35 -17.71 20.26
C VAL B 122 7.64 -18.99 21.02
N THR B 123 8.52 -19.83 20.47
CA THR B 123 8.77 -21.16 21.03
C THR B 123 9.77 -21.12 22.18
N GLY B 124 10.49 -20.00 22.30
CA GLY B 124 11.43 -19.82 23.39
C GLY B 124 12.55 -18.85 23.05
N GLY B 125 13.57 -18.79 23.89
CA GLY B 125 14.68 -17.88 23.68
C GLY B 125 15.95 -18.28 24.42
N THR B 126 17.02 -17.50 24.22
CA THR B 126 18.28 -17.69 24.92
C THR B 126 18.78 -16.37 25.50
N GLY B 127 19.84 -16.44 26.31
CA GLY B 127 20.36 -15.24 26.96
C GLY B 127 19.30 -14.59 27.82
N ILE B 128 19.11 -13.29 27.65
CA ILE B 128 18.10 -12.59 28.43
C ILE B 128 16.68 -13.08 28.08
N PHE B 129 16.54 -13.78 26.97
CA PHE B 129 15.24 -14.32 26.59
C PHE B 129 15.05 -15.77 27.05
N ALA B 130 16.02 -16.29 27.78
CA ALA B 130 15.98 -17.69 28.20
C ALA B 130 14.68 -18.04 28.93
N GLY B 131 13.96 -19.03 28.41
CA GLY B 131 12.77 -19.53 29.07
C GLY B 131 11.49 -18.80 28.72
N CYS B 132 11.56 -17.81 27.84
CA CYS B 132 10.36 -17.06 27.48
C CYS B 132 9.37 -17.93 26.72
N HIS B 133 8.11 -17.50 26.70
CA HIS B 133 7.14 -18.07 25.78
C HIS B 133 6.10 -17.01 25.48
N GLY B 134 5.34 -17.19 24.40
CA GLY B 134 4.36 -16.19 23.99
C GLY B 134 4.07 -16.15 22.50
N VAL B 135 3.85 -14.95 21.98
CA VAL B 135 3.47 -14.78 20.57
C VAL B 135 4.21 -13.61 19.93
N ALA B 136 4.32 -13.64 18.60
CA ALA B 136 4.85 -12.52 17.85
C ALA B 136 3.87 -12.06 16.77
N LYS B 137 3.48 -10.78 16.83
CA LYS B 137 2.62 -10.20 15.81
C LYS B 137 3.46 -9.65 14.67
N LEU B 138 3.25 -10.21 13.48
CA LEU B 138 3.97 -9.82 12.27
C LEU B 138 3.12 -8.83 11.48
N HIS B 139 3.61 -7.59 11.36
CA HIS B 139 2.90 -6.56 10.60
C HIS B 139 3.66 -6.21 9.33
N GLN B 140 3.00 -6.35 8.18
CA GLN B 140 3.63 -6.03 6.92
C GLN B 140 3.47 -4.55 6.57
N ILE B 141 4.60 -3.86 6.38
CA ILE B 141 4.58 -2.48 5.89
C ILE B 141 4.68 -2.46 4.36
N ILE B 142 5.79 -2.94 3.84
CA ILE B 142 5.97 -3.15 2.39
C ILE B 142 6.44 -4.59 2.15
N PHE B 143 5.58 -5.39 1.51
CA PHE B 143 5.93 -6.79 1.26
C PHE B 143 6.86 -6.91 0.06
N PRO B 144 7.94 -7.71 0.19
CA PRO B 144 8.36 -8.46 1.38
C PRO B 144 9.52 -7.80 2.13
N VAL B 145 9.87 -6.58 1.75
CA VAL B 145 11.15 -5.99 2.17
C VAL B 145 11.19 -5.29 3.53
N LYS B 146 10.03 -4.89 4.05
CA LYS B 146 10.00 -4.21 5.34
C LYS B 146 8.87 -4.71 6.25
N LEU B 147 9.26 -5.35 7.36
N LEU B 147 9.25 -5.35 7.36
CA LEU B 147 8.29 -5.89 8.31
CA LEU B 147 8.28 -5.88 8.30
C LEU B 147 8.51 -5.33 9.71
C LEU B 147 8.51 -5.35 9.71
N PHE B 148 7.44 -5.33 10.51
CA PHE B 148 7.50 -4.80 11.88
C PHE B 148 6.89 -5.86 12.81
N TYR B 149 7.62 -6.24 13.85
CA TYR B 149 7.16 -7.28 14.76
C TYR B 149 7.00 -6.71 16.16
N THR B 150 5.96 -7.15 16.86
CA THR B 150 5.88 -6.91 18.30
C THR B 150 5.81 -8.26 19.00
N PHE B 151 6.80 -8.53 19.85
CA PHE B 151 6.87 -9.76 20.62
C PHE B 151 6.13 -9.57 21.96
N TYR B 152 5.33 -10.55 22.34
CA TYR B 152 4.69 -10.55 23.66
C TYR B 152 5.27 -11.71 24.46
N LEU B 153 6.22 -11.37 25.34
CA LEU B 153 7.10 -12.37 25.96
C LEU B 153 6.75 -12.62 27.43
N GLN B 154 6.41 -13.86 27.74
CA GLN B 154 6.04 -14.25 29.10
C GLN B 154 7.20 -14.93 29.83
N GLY B 155 7.36 -14.61 31.12
CA GLY B 155 8.17 -15.41 32.02
C GLY B 155 9.65 -15.09 32.16
N ILE B 156 10.08 -13.92 31.69
CA ILE B 156 11.48 -13.53 31.83
C ILE B 156 11.61 -12.25 32.67
N LYS B 157 12.84 -11.88 32.99
CA LYS B 157 13.09 -10.70 33.81
C LYS B 157 13.01 -9.44 32.97
N LYS B 158 12.90 -8.29 33.65
CA LYS B 158 12.79 -7.00 32.98
C LYS B 158 13.83 -6.85 31.87
N LEU B 159 13.37 -6.52 30.67
CA LEU B 159 14.25 -6.28 29.53
C LEU B 159 15.12 -5.04 29.75
N PRO B 160 16.33 -5.04 29.18
CA PRO B 160 17.24 -3.90 29.32
C PRO B 160 16.72 -2.68 28.55
N GLU B 161 16.97 -1.48 29.09
CA GLU B 161 16.45 -0.23 28.53
C GLU B 161 16.78 0.00 27.05
N GLU B 162 17.96 -0.42 26.62
CA GLU B 162 18.37 -0.21 25.23
C GLU B 162 17.40 -0.84 24.24
N LEU B 163 16.67 -1.86 24.68
CA LEU B 163 15.75 -2.59 23.82
C LEU B 163 14.32 -2.07 23.91
N CYS B 164 14.09 -1.10 24.78
CA CYS B 164 12.75 -0.57 25.03
C CYS B 164 12.60 0.92 24.73
N ALA B 165 13.42 1.44 23.83
CA ALA B 165 13.33 2.85 23.45
C ALA B 165 12.00 3.11 22.72
N SER B 166 11.56 4.37 22.75
N SER B 166 11.55 4.37 22.76
CA SER B 166 10.31 4.77 22.09
CA SER B 166 10.33 4.77 22.08
C SER B 166 10.27 4.25 20.66
C SER B 166 10.29 4.22 20.65
N VAL B 167 9.24 3.47 20.35
CA VAL B 167 9.11 2.84 19.04
C VAL B 167 8.63 3.83 17.98
N VAL B 168 9.33 3.86 16.85
CA VAL B 168 8.87 4.62 15.70
C VAL B 168 7.67 3.87 15.10
N PRO B 169 6.53 4.56 14.97
CA PRO B 169 5.33 3.92 14.40
C PRO B 169 5.62 3.41 12.99
N PRO B 170 5.19 2.17 12.69
CA PRO B 170 5.53 1.57 11.39
C PRO B 170 4.91 2.32 10.22
N SER B 171 5.72 2.60 9.20
CA SER B 171 5.24 3.29 8.01
C SER B 171 6.24 3.17 6.87
N PRO B 172 5.84 3.56 5.66
CA PRO B 172 6.78 3.56 4.53
C PRO B 172 7.99 4.47 4.73
N SER B 173 7.84 5.58 5.45
CA SER B 173 8.96 6.48 5.68
C SER B 173 9.94 5.97 6.75
N ALA B 174 9.52 4.97 7.53
CA ALA B 174 10.38 4.45 8.60
C ALA B 174 11.70 3.90 8.05
N GLU B 175 12.80 4.51 8.47
CA GLU B 175 14.13 4.11 8.03
C GLU B 175 15.10 4.03 9.20
N PRO B 176 16.02 3.05 9.18
CA PRO B 176 17.10 2.99 10.17
C PRO B 176 17.99 4.22 10.01
N SER B 177 18.55 4.73 11.10
CA SER B 177 19.48 5.85 11.01
C SER B 177 20.67 5.45 10.16
N GLU B 178 21.36 6.47 9.64
CA GLU B 178 22.58 6.24 8.86
C GLU B 178 23.62 5.43 9.62
N GLN B 179 23.79 5.71 10.91
CA GLN B 179 24.80 5.02 11.70
C GLN B 179 24.44 3.56 11.94
N ALA B 180 23.16 3.28 12.18
CA ALA B 180 22.70 1.90 12.28
C ALA B 180 22.96 1.14 10.99
N LYS B 181 22.64 1.76 9.85
CA LYS B 181 22.83 1.11 8.55
C LYS B 181 24.30 0.79 8.29
N LYS B 182 25.20 1.66 8.74
CA LYS B 182 26.63 1.47 8.53
C LYS B 182 27.29 0.69 9.67
N CYS B 183 26.47 0.23 10.62
CA CYS B 183 26.98 -0.51 11.79
C CYS B 183 28.07 0.26 12.57
N HIS B 184 27.81 1.54 12.81
CA HIS B 184 28.68 2.38 13.64
C HIS B 184 28.67 1.86 15.08
N PRO B 185 29.84 1.82 15.73
CA PRO B 185 29.97 1.29 17.10
C PRO B 185 28.99 1.91 18.11
N SER B 186 28.48 3.10 17.85
CA SER B 186 27.54 3.73 18.77
C SER B 186 26.11 3.25 18.52
N SER B 187 25.93 2.45 17.47
CA SER B 187 24.59 2.12 17.00
C SER B 187 24.41 0.64 16.69
N VAL B 188 25.10 -0.22 17.43
CA VAL B 188 24.96 -1.66 17.26
C VAL B 188 24.77 -2.34 18.61
N ALA B 189 24.18 -3.52 18.60
CA ALA B 189 24.15 -4.36 19.80
C ALA B 189 25.54 -4.93 19.99
N PRO B 190 25.91 -5.24 21.25
CA PRO B 190 27.22 -5.84 21.51
C PRO B 190 27.38 -7.08 20.64
N ASN B 191 28.45 -7.12 19.85
CA ASN B 191 28.67 -8.21 18.92
C ASN B 191 27.43 -8.55 18.10
N PHE B 192 26.79 -7.51 17.55
CA PHE B 192 25.59 -7.67 16.75
C PHE B 192 25.76 -8.78 15.73
N THR B 193 24.70 -9.57 15.55
CA THR B 193 24.73 -10.73 14.67
C THR B 193 24.75 -10.32 13.21
N ASN B 194 25.65 -10.93 12.44
CA ASN B 194 25.72 -10.67 11.00
C ASN B 194 26.01 -11.95 10.23
N GLY C 2 -2.18 43.09 18.53
CA GLY C 2 -3.47 43.72 18.73
C GLY C 2 -4.52 43.28 17.73
N PRO C 3 -5.72 43.88 17.84
CA PRO C 3 -6.89 43.56 17.02
C PRO C 3 -6.61 43.61 15.52
N LEU C 4 -6.16 44.76 15.03
CA LEU C 4 -5.86 44.91 13.62
C LEU C 4 -4.65 44.07 13.20
N GLY C 5 -3.75 43.84 14.14
CA GLY C 5 -2.60 42.97 13.91
C GLY C 5 -3.03 41.55 13.63
N SER C 6 -3.79 40.96 14.55
CA SER C 6 -4.34 39.62 14.35
C SER C 6 -5.14 39.57 13.05
N MET C 7 -5.98 40.59 12.86
CA MET C 7 -6.81 40.73 11.66
C MET C 7 -5.96 40.66 10.39
N GLY C 8 -4.82 41.34 10.41
CA GLY C 8 -3.92 41.34 9.28
C GLY C 8 -3.25 39.99 9.08
N ASN C 9 -2.78 39.40 10.17
CA ASN C 9 -2.12 38.10 10.14
C ASN C 9 -2.99 37.01 9.52
N LYS C 10 -4.28 37.04 9.82
CA LYS C 10 -5.20 36.06 9.24
C LYS C 10 -5.21 36.15 7.73
N VAL C 11 -5.24 37.39 7.22
CA VAL C 11 -5.32 37.62 5.78
C VAL C 11 -4.10 37.10 5.03
N ASP C 12 -2.91 37.55 5.40
CA ASP C 12 -1.70 37.14 4.69
C ASP C 12 -1.43 35.65 4.82
N LYS C 13 -1.66 35.08 6.01
CA LYS C 13 -1.52 33.64 6.20
C LYS C 13 -2.40 32.87 5.20
N LEU C 14 -3.57 33.44 4.91
CA LEU C 14 -4.46 32.86 3.90
C LEU C 14 -3.75 32.85 2.54
N ALA C 15 -3.23 34.01 2.14
CA ALA C 15 -2.58 34.18 0.84
C ALA C 15 -1.20 33.54 0.76
N GLY C 16 -0.78 32.90 1.85
CA GLY C 16 0.50 32.23 1.88
C GLY C 16 0.48 30.98 1.01
N VAL C 17 1.66 30.43 0.72
CA VAL C 17 1.77 29.22 -0.06
C VAL C 17 1.90 28.01 0.86
N GLN C 18 1.12 26.98 0.59
CA GLN C 18 1.24 25.73 1.33
C GLN C 18 1.62 24.62 0.36
N GLU C 19 2.56 23.77 0.75
CA GLU C 19 2.96 22.63 -0.07
C GLU C 19 2.15 21.38 0.28
N LEU C 20 1.77 20.62 -0.75
CA LEU C 20 1.02 19.38 -0.60
C LEU C 20 1.57 18.36 -1.59
N SER C 21 2.05 17.22 -1.10
CA SER C 21 2.59 16.20 -1.98
C SER C 21 1.71 14.95 -2.04
N VAL C 22 1.61 14.34 -3.22
CA VAL C 22 0.89 13.08 -3.38
C VAL C 22 1.59 12.18 -4.40
N TYR C 23 1.27 10.89 -4.36
CA TYR C 23 1.72 9.93 -5.35
C TYR C 23 0.55 9.52 -6.24
N GLU C 24 0.77 9.46 -7.55
CA GLU C 24 -0.22 8.92 -8.49
C GLU C 24 0.30 7.60 -9.05
N ILE C 25 -0.50 6.54 -8.89
CA ILE C 25 -0.06 5.21 -9.29
C ILE C 25 -1.09 4.46 -10.12
N ASN C 26 -0.67 3.99 -11.29
CA ASN C 26 -1.50 3.12 -12.10
C ASN C 26 -1.34 1.67 -11.64
N GLU C 27 -2.32 1.17 -10.90
CA GLU C 27 -2.23 -0.20 -10.38
C GLU C 27 -2.90 -1.23 -11.31
N ARG C 28 -3.16 -0.82 -12.54
CA ARG C 28 -3.57 -1.75 -13.60
C ARG C 28 -4.90 -2.47 -13.33
N ASP C 29 -5.80 -1.83 -12.59
CA ASP C 29 -7.07 -2.45 -12.23
C ASP C 29 -8.26 -1.55 -12.60
N ARG C 30 -8.04 -0.60 -13.51
N ARG C 30 -8.04 -0.64 -13.54
CA ARG C 30 -9.08 0.34 -13.89
CA ARG C 30 -9.01 0.39 -13.88
C ARG C 30 -9.26 0.45 -15.40
C ARG C 30 -9.23 0.48 -15.39
N GLY C 31 -8.46 -0.31 -16.14
CA GLY C 31 -8.50 -0.25 -17.59
C GLY C 31 -7.90 1.04 -18.11
N SER C 32 -6.95 1.59 -17.38
CA SER C 32 -6.36 2.86 -17.75
C SER C 32 -4.89 2.68 -18.17
N PRO C 33 -4.41 3.55 -19.08
CA PRO C 33 -5.23 4.54 -19.80
C PRO C 33 -5.81 3.95 -21.08
N VAL C 34 -6.71 4.67 -21.71
CA VAL C 34 -7.31 4.25 -22.96
C VAL C 34 -6.71 5.03 -24.13
N ILE C 35 -5.82 4.38 -24.89
CA ILE C 35 -5.12 5.04 -25.98
C ILE C 35 -5.99 5.11 -27.24
N LEU C 36 -6.41 6.33 -27.56
CA LEU C 36 -7.35 6.57 -28.66
C LEU C 36 -6.63 7.14 -29.87
N ASN C 50 3.66 9.57 -30.78
CA ASN C 50 2.96 9.11 -31.96
C ASN C 50 2.64 10.27 -32.92
N SER C 51 1.35 10.61 -33.04
CA SER C 51 0.93 11.69 -33.92
C SER C 51 -0.05 12.66 -33.23
N LEU C 52 0.12 13.94 -33.49
CA LEU C 52 -0.80 14.96 -32.99
C LEU C 52 -2.24 14.53 -33.25
N GLY C 53 -3.06 14.51 -32.21
CA GLY C 53 -4.45 14.16 -32.37
C GLY C 53 -4.91 12.98 -31.52
N ASP C 54 -3.99 12.07 -31.23
CA ASP C 54 -4.32 10.94 -30.36
C ASP C 54 -4.79 11.45 -29.01
N LEU C 55 -5.86 10.82 -28.50
CA LEU C 55 -6.46 11.23 -27.23
C LEU C 55 -6.33 10.12 -26.22
N VAL C 56 -6.08 10.47 -24.96
CA VAL C 56 -5.85 9.47 -23.94
C VAL C 56 -6.57 9.80 -22.64
N PRO C 57 -7.81 9.33 -22.49
CA PRO C 57 -8.51 9.41 -21.21
C PRO C 57 -7.82 8.51 -20.20
N PHE C 58 -7.82 8.90 -18.93
CA PHE C 58 -7.14 8.10 -17.91
C PHE C 58 -7.70 8.32 -16.53
N SER C 59 -7.37 7.42 -15.61
CA SER C 59 -7.76 7.53 -14.22
C SER C 59 -6.90 6.60 -13.38
N ASN C 60 -6.09 7.17 -12.49
CA ASN C 60 -5.19 6.40 -11.65
C ASN C 60 -5.48 6.62 -10.16
N LYS C 61 -4.80 5.88 -9.28
CA LYS C 61 -5.01 6.02 -7.83
C LYS C 61 -4.09 7.08 -7.23
N VAL C 62 -4.55 7.72 -6.17
CA VAL C 62 -3.77 8.75 -5.49
C VAL C 62 -3.55 8.41 -4.01
N TYR C 63 -2.29 8.42 -3.59
CA TYR C 63 -1.93 8.20 -2.19
C TYR C 63 -1.32 9.47 -1.61
N ASP C 64 -1.33 9.60 -0.28
CA ASP C 64 -0.76 10.79 0.35
C ASP C 64 0.76 10.76 0.27
N GLY C 65 1.41 11.88 0.58
CA GLY C 65 2.84 12.00 0.47
C GLY C 65 3.66 11.00 1.27
N SER C 66 3.12 10.54 2.40
CA SER C 66 3.80 9.61 3.27
C SER C 66 3.50 8.17 2.88
N LEU C 67 2.63 8.00 1.89
CA LEU C 67 2.28 6.68 1.40
C LEU C 67 1.60 5.82 2.46
N GLN C 68 0.94 6.46 3.42
CA GLN C 68 0.21 5.77 4.47
C GLN C 68 -1.27 5.64 4.17
N ARG C 69 -1.79 6.52 3.31
CA ARG C 69 -3.24 6.57 3.08
C ARG C 69 -3.66 6.70 1.62
N ARG C 70 -4.66 5.92 1.24
CA ARG C 70 -5.32 6.06 -0.05
C ARG C 70 -6.29 7.23 0.01
N LEU C 71 -6.09 8.22 -0.85
CA LEU C 71 -6.90 9.44 -0.81
C LEU C 71 -8.01 9.45 -1.85
N GLY C 72 -7.69 9.02 -3.07
CA GLY C 72 -8.67 8.98 -4.15
C GLY C 72 -8.08 8.63 -5.51
N ILE C 73 -8.36 9.45 -6.51
CA ILE C 73 -7.98 9.14 -7.88
C ILE C 73 -7.64 10.40 -8.68
N THR C 74 -6.99 10.21 -9.81
CA THR C 74 -6.95 11.25 -10.85
C THR C 74 -8.00 10.90 -11.89
N ALA C 75 -8.46 11.90 -12.63
CA ALA C 75 -9.40 11.65 -13.71
C ALA C 75 -9.36 12.78 -14.73
N GLY C 76 -9.27 12.42 -16.01
CA GLY C 76 -9.17 13.43 -17.05
C GLY C 76 -8.72 12.91 -18.40
N ILE C 77 -8.11 13.79 -19.19
N ILE C 77 -8.11 13.78 -19.20
CA ILE C 77 -7.73 13.45 -20.56
CA ILE C 77 -7.74 13.41 -20.57
C ILE C 77 -6.38 14.06 -20.94
C ILE C 77 -6.46 14.11 -21.03
N CYS C 78 -5.68 13.39 -21.85
CA CYS C 78 -4.45 13.91 -22.43
C CYS C 78 -4.60 13.95 -23.96
N THR C 79 -4.11 15.01 -24.58
CA THR C 79 -4.08 15.09 -26.03
C THR C 79 -2.63 15.07 -26.51
N LEU C 80 -2.29 14.13 -27.38
CA LEU C 80 -0.91 14.01 -27.84
C LEU C 80 -0.60 15.18 -28.77
N ILE C 81 0.51 15.86 -28.53
CA ILE C 81 0.85 17.06 -29.32
C ILE C 81 1.95 16.83 -30.35
N SER C 82 3.03 16.16 -29.93
CA SER C 82 4.14 15.90 -30.83
C SER C 82 5.04 14.79 -30.30
N HIS C 83 5.80 14.19 -31.22
CA HIS C 83 6.79 13.18 -30.87
C HIS C 83 8.19 13.79 -30.99
N ASN C 84 9.09 13.41 -30.08
CA ASN C 84 10.47 13.88 -30.15
C ASN C 84 11.44 12.71 -30.33
N ALA C 85 11.99 12.60 -31.52
CA ALA C 85 12.85 11.46 -31.88
C ALA C 85 14.11 11.33 -31.04
N GLU C 86 14.87 12.42 -30.92
CA GLU C 86 16.17 12.36 -30.25
C GLU C 86 16.06 12.16 -28.72
N LYS C 87 15.04 12.72 -28.11
CA LYS C 87 14.83 12.51 -26.67
C LYS C 87 13.90 11.33 -26.41
N LYS C 88 13.49 10.66 -27.49
CA LYS C 88 12.66 9.46 -27.40
C LYS C 88 11.48 9.64 -26.45
N GLY C 89 10.52 10.47 -26.84
CA GLY C 89 9.35 10.70 -26.02
C GLY C 89 8.28 11.55 -26.69
N ASP C 90 7.22 11.83 -25.96
CA ASP C 90 6.07 12.55 -26.52
C ASP C 90 5.63 13.71 -25.63
N ARG C 91 5.02 14.71 -26.25
CA ARG C 91 4.43 15.83 -25.53
C ARG C 91 2.91 15.78 -25.56
N TYR C 92 2.27 15.85 -24.39
CA TYR C 92 0.81 15.88 -24.28
C TYR C 92 0.32 17.20 -23.66
N GLU C 93 -0.91 17.59 -24.00
CA GLU C 93 -1.60 18.67 -23.28
C GLU C 93 -2.72 18.06 -22.44
N ALA C 94 -2.75 18.35 -21.14
CA ALA C 94 -3.65 17.63 -20.23
C ALA C 94 -4.61 18.52 -19.46
N GLN C 95 -5.81 17.98 -19.20
CA GLN C 95 -6.77 18.61 -18.29
C GLN C 95 -7.32 17.51 -17.40
N TYR C 96 -7.11 17.63 -16.10
CA TYR C 96 -7.59 16.61 -15.19
C TYR C 96 -7.70 17.09 -13.76
N SER C 97 -8.33 16.27 -12.91
CA SER C 97 -8.53 16.63 -11.51
C SER C 97 -8.01 15.54 -10.57
N PHE C 98 -7.62 15.95 -9.37
CA PHE C 98 -7.24 15.06 -8.29
C PHE C 98 -8.37 15.01 -7.27
N TYR C 99 -8.90 13.83 -7.00
CA TYR C 99 -10.00 13.67 -6.04
C TYR C 99 -9.54 13.12 -4.69
N PHE C 100 -9.88 13.84 -3.62
CA PHE C 100 -9.38 13.55 -2.28
C PHE C 100 -10.51 13.13 -1.33
N GLY C 101 -11.46 12.34 -1.83
CA GLY C 101 -12.62 11.97 -1.03
C GLY C 101 -13.35 13.21 -0.52
N ASP C 102 -13.82 13.15 0.73
CA ASP C 102 -14.58 14.26 1.31
C ASP C 102 -13.80 15.57 1.48
N TYR C 103 -12.47 15.52 1.38
CA TYR C 103 -11.68 16.75 1.47
C TYR C 103 -12.01 17.71 0.32
N GLY C 104 -12.34 17.15 -0.85
CA GLY C 104 -12.58 17.95 -2.04
C GLY C 104 -11.67 17.53 -3.17
N HIS C 105 -11.52 18.38 -4.18
CA HIS C 105 -10.62 18.07 -5.29
C HIS C 105 -9.84 19.27 -5.77
N ILE C 106 -8.82 19.01 -6.60
CA ILE C 106 -7.99 20.05 -7.20
C ILE C 106 -7.94 19.81 -8.71
N SER C 107 -8.11 20.88 -9.49
CA SER C 107 -8.09 20.76 -10.95
C SER C 107 -6.81 21.35 -11.56
N VAL C 108 -6.29 20.68 -12.59
CA VAL C 108 -5.05 21.12 -13.24
C VAL C 108 -5.17 21.21 -14.76
N GLN C 109 -4.21 21.90 -15.37
CA GLN C 109 -4.16 22.08 -16.80
C GLN C 109 -2.71 22.38 -17.21
N GLY C 110 -2.22 21.72 -18.25
CA GLY C 110 -0.85 21.92 -18.68
C GLY C 110 -0.18 20.71 -19.29
N PRO C 111 1.16 20.74 -19.39
CA PRO C 111 1.91 19.77 -20.18
C PRO C 111 2.25 18.49 -19.41
N TYR C 112 2.15 17.35 -20.10
CA TYR C 112 2.76 16.13 -19.61
C TYR C 112 3.72 15.61 -20.68
N ILE C 113 4.98 15.44 -20.31
CA ILE C 113 6.01 15.04 -21.27
C ILE C 113 6.70 13.75 -20.80
N THR C 114 6.65 12.71 -21.63
CA THR C 114 7.06 11.38 -21.21
C THR C 114 8.51 11.26 -20.73
N TYR C 115 9.36 12.20 -21.14
CA TYR C 115 10.79 12.08 -20.84
C TYR C 115 11.36 13.12 -19.87
N GLU C 116 10.52 13.95 -19.27
CA GLU C 116 11.02 14.96 -18.34
C GLU C 116 9.93 15.57 -17.46
N ASP C 117 10.34 16.09 -16.30
CA ASP C 117 9.39 16.70 -15.37
C ASP C 117 8.76 17.94 -16.01
N THR C 118 7.57 18.31 -15.54
CA THR C 118 6.90 19.52 -15.99
C THR C 118 6.17 20.22 -14.85
N GLU C 119 5.69 21.43 -15.11
CA GLU C 119 4.89 22.14 -14.13
C GLU C 119 3.52 22.46 -14.68
N LEU C 120 2.49 22.20 -13.88
CA LEU C 120 1.12 22.42 -14.31
C LEU C 120 0.44 23.56 -13.56
N VAL C 121 -0.58 24.13 -14.18
CA VAL C 121 -1.39 25.16 -13.58
C VAL C 121 -2.47 24.54 -12.70
N VAL C 122 -2.57 24.99 -11.44
CA VAL C 122 -3.69 24.63 -10.59
C VAL C 122 -4.80 25.63 -10.87
N THR C 123 -5.86 25.17 -11.50
CA THR C 123 -6.92 26.07 -11.94
C THR C 123 -7.88 26.45 -10.82
N GLY C 124 -7.89 25.64 -9.76
CA GLY C 124 -8.75 25.89 -8.61
C GLY C 124 -9.03 24.60 -7.86
N GLY C 125 -9.98 24.64 -6.93
CA GLY C 125 -10.33 23.46 -6.14
C GLY C 125 -11.69 23.59 -5.48
N THR C 126 -12.11 22.55 -4.76
CA THR C 126 -13.34 22.56 -3.98
C THR C 126 -13.08 22.03 -2.57
N GLY C 127 -14.09 22.09 -1.71
CA GLY C 127 -13.93 21.64 -0.33
C GLY C 127 -12.89 22.45 0.41
N ILE C 128 -11.92 21.79 1.03
CA ILE C 128 -10.86 22.53 1.72
C ILE C 128 -9.96 23.25 0.72
N PHE C 129 -10.05 22.88 -0.55
CA PHE C 129 -9.23 23.52 -1.58
C PHE C 129 -9.98 24.63 -2.30
N ALA C 130 -11.20 24.94 -1.85
CA ALA C 130 -12.03 25.92 -2.53
C ALA C 130 -11.34 27.28 -2.69
N GLY C 131 -11.21 27.73 -3.94
CA GLY C 131 -10.68 29.05 -4.21
C GLY C 131 -9.16 29.11 -4.34
N CYS C 132 -8.50 27.96 -4.29
CA CYS C 132 -7.04 27.93 -4.39
C CYS C 132 -6.52 28.31 -5.77
N HIS C 133 -5.25 28.67 -5.84
CA HIS C 133 -4.54 28.83 -7.10
C HIS C 133 -3.06 28.55 -6.88
N GLY C 134 -2.32 28.32 -7.96
CA GLY C 134 -0.91 27.97 -7.83
C GLY C 134 -0.40 27.06 -8.93
N VAL C 135 0.56 26.20 -8.59
N VAL C 135 0.56 26.20 -8.58
CA VAL C 135 1.18 25.32 -9.56
CA VAL C 135 1.23 25.34 -9.56
C VAL C 135 1.37 23.92 -8.99
C VAL C 135 1.47 23.94 -8.99
N ALA C 136 1.54 22.95 -9.87
CA ALA C 136 1.86 21.59 -9.45
C ALA C 136 3.07 21.06 -10.21
N LYS C 137 4.09 20.63 -9.48
CA LYS C 137 5.28 20.05 -10.10
C LYS C 137 5.07 18.55 -10.31
N LEU C 138 5.25 18.10 -11.54
CA LEU C 138 5.05 16.69 -11.89
C LEU C 138 6.40 16.00 -12.07
N HIS C 139 6.65 14.97 -11.26
CA HIS C 139 7.86 14.18 -11.41
C HIS C 139 7.49 12.73 -11.71
N GLN C 140 8.04 12.18 -12.79
CA GLN C 140 7.77 10.80 -13.15
C GLN C 140 8.85 9.91 -12.56
N ILE C 141 8.41 8.88 -11.81
CA ILE C 141 9.34 7.98 -11.15
C ILE C 141 9.55 6.74 -12.00
N ILE C 142 8.44 6.11 -12.38
CA ILE C 142 8.46 4.99 -13.32
C ILE C 142 7.47 5.26 -14.45
N PHE C 143 7.98 5.42 -15.67
CA PHE C 143 7.11 5.62 -16.82
C PHE C 143 6.36 4.35 -17.19
N PRO C 144 5.02 4.44 -17.28
CA PRO C 144 4.23 5.62 -16.95
C PRO C 144 3.34 5.40 -15.74
N VAL C 145 3.67 4.42 -14.91
CA VAL C 145 2.75 3.95 -13.88
C VAL C 145 2.89 4.59 -12.49
N LYS C 146 3.96 5.34 -12.25
CA LYS C 146 4.17 5.95 -10.93
C LYS C 146 4.68 7.39 -10.99
N LEU C 147 3.87 8.33 -10.50
CA LEU C 147 4.25 9.74 -10.51
C LEU C 147 4.19 10.37 -9.12
N PHE C 148 4.95 11.43 -8.93
CA PHE C 148 5.01 12.18 -7.68
C PHE C 148 4.75 13.65 -7.99
N TYR C 149 3.84 14.27 -7.24
CA TYR C 149 3.50 15.68 -7.45
C TYR C 149 3.74 16.49 -6.17
N THR C 150 4.12 17.75 -6.32
CA THR C 150 4.03 18.70 -5.20
C THR C 150 3.20 19.90 -5.62
N PHE C 151 2.09 20.12 -4.92
CA PHE C 151 1.23 21.27 -5.20
C PHE C 151 1.68 22.46 -4.37
N TYR C 152 1.73 23.63 -5.00
CA TYR C 152 1.98 24.88 -4.30
C TYR C 152 0.69 25.70 -4.35
N LEU C 153 -0.04 25.70 -3.24
CA LEU C 153 -1.40 26.23 -3.19
C LEU C 153 -1.47 27.52 -2.36
N GLN C 154 -2.20 28.50 -2.88
CA GLN C 154 -2.44 29.74 -2.14
C GLN C 154 -3.93 30.03 -2.01
N GLY C 155 -4.29 30.77 -0.97
CA GLY C 155 -5.65 31.27 -0.81
C GLY C 155 -6.59 30.39 -0.02
N ILE C 156 -6.05 29.39 0.67
CA ILE C 156 -6.89 28.46 1.42
C ILE C 156 -6.42 28.30 2.87
N LYS C 157 -7.34 27.86 3.72
CA LYS C 157 -7.03 27.65 5.13
C LYS C 157 -5.93 26.61 5.32
N LYS C 158 -5.34 26.59 6.51
CA LYS C 158 -4.30 25.61 6.84
C LYS C 158 -4.77 24.19 6.51
N LEU C 159 -3.97 23.46 5.74
CA LEU C 159 -4.29 22.08 5.42
C LEU C 159 -4.30 21.23 6.68
N PRO C 160 -5.19 20.22 6.72
CA PRO C 160 -5.28 19.31 7.86
C PRO C 160 -4.00 18.49 8.01
N GLU C 161 -3.65 18.18 9.26
CA GLU C 161 -2.41 17.48 9.58
C GLU C 161 -2.29 16.12 8.87
N GLU C 162 -3.42 15.46 8.64
CA GLU C 162 -3.43 14.16 7.98
C GLU C 162 -2.89 14.22 6.56
N LEU C 163 -2.85 15.42 5.98
CA LEU C 163 -2.40 15.58 4.60
C LEU C 163 -0.99 16.16 4.54
N CYS C 164 -0.40 16.36 5.72
CA CYS C 164 0.92 16.98 5.81
C CYS C 164 1.91 16.09 6.54
N ALA C 165 1.68 14.79 6.53
CA ALA C 165 2.61 13.87 7.17
C ALA C 165 3.95 13.88 6.44
N SER C 166 5.01 13.50 7.15
CA SER C 166 6.36 13.45 6.60
C SER C 166 6.39 12.71 5.26
N VAL C 167 6.76 13.42 4.20
CA VAL C 167 6.74 12.86 2.84
C VAL C 167 7.85 11.83 2.62
N VAL C 168 7.52 10.75 1.92
CA VAL C 168 8.52 9.78 1.51
C VAL C 168 9.24 10.32 0.27
N PRO C 169 10.58 10.33 0.30
CA PRO C 169 11.34 10.84 -0.85
C PRO C 169 11.06 10.02 -2.10
N PRO C 170 10.67 10.68 -3.20
CA PRO C 170 10.30 9.95 -4.42
C PRO C 170 11.44 9.11 -4.98
N SER C 171 11.18 7.83 -5.19
CA SER C 171 12.15 6.93 -5.81
C SER C 171 11.43 5.68 -6.30
N PRO C 172 12.08 4.89 -7.17
CA PRO C 172 11.44 3.69 -7.70
C PRO C 172 10.96 2.75 -6.59
N SER C 173 11.63 2.74 -5.44
CA SER C 173 11.26 1.82 -4.37
C SER C 173 10.15 2.34 -3.46
N ALA C 174 9.70 3.57 -3.68
CA ALA C 174 8.62 4.15 -2.88
C ALA C 174 7.32 3.43 -3.16
N GLU C 175 6.71 2.87 -2.12
CA GLU C 175 5.49 2.06 -2.26
C GLU C 175 4.47 2.39 -1.18
N PRO C 176 3.18 2.39 -1.56
CA PRO C 176 2.14 2.56 -0.53
C PRO C 176 2.24 1.41 0.45
N SER C 177 1.78 1.60 1.68
CA SER C 177 1.77 0.51 2.64
C SER C 177 0.79 -0.56 2.18
N GLU C 178 0.95 -1.78 2.69
CA GLU C 178 0.02 -2.84 2.36
C GLU C 178 -1.40 -2.45 2.76
N GLN C 179 -1.52 -1.76 3.90
CA GLN C 179 -2.83 -1.35 4.40
C GLN C 179 -3.52 -0.33 3.49
N ALA C 180 -2.75 0.62 2.97
CA ALA C 180 -3.28 1.60 2.03
C ALA C 180 -3.71 0.93 0.73
N LYS C 181 -2.94 -0.06 0.28
CA LYS C 181 -3.26 -0.78 -0.97
C LYS C 181 -4.58 -1.54 -0.85
N LYS C 182 -4.88 -2.00 0.36
CA LYS C 182 -6.09 -2.76 0.64
C LYS C 182 -7.25 -1.87 1.04
N CYS C 183 -7.00 -0.57 1.15
CA CYS C 183 -8.04 0.35 1.57
C CYS C 183 -8.59 -0.01 2.95
N HIS C 184 -7.69 -0.41 3.86
CA HIS C 184 -8.07 -0.62 5.25
C HIS C 184 -8.57 0.70 5.82
N PRO C 185 -9.63 0.66 6.64
CA PRO C 185 -10.25 1.85 7.23
C PRO C 185 -9.25 2.79 7.92
N SER C 186 -8.18 2.25 8.47
CA SER C 186 -7.18 3.07 9.13
C SER C 186 -6.28 3.80 8.13
N SER C 187 -6.35 3.40 6.86
CA SER C 187 -5.41 3.91 5.87
C SER C 187 -6.09 4.47 4.61
N VAL C 188 -7.21 5.16 4.81
CA VAL C 188 -7.91 5.81 3.71
C VAL C 188 -8.42 7.18 4.11
N ALA C 189 -8.56 8.07 3.14
CA ALA C 189 -9.22 9.35 3.35
C ALA C 189 -10.71 9.09 3.57
N PRO C 190 -11.36 9.98 4.35
CA PRO C 190 -12.81 9.84 4.57
C PRO C 190 -13.54 9.77 3.24
N ASN C 191 -14.30 8.70 3.04
CA ASN C 191 -14.97 8.44 1.77
C ASN C 191 -14.04 8.61 0.57
N PHE C 192 -12.85 8.03 0.67
CA PHE C 192 -11.85 8.09 -0.38
C PHE C 192 -12.48 7.81 -1.74
N THR C 193 -12.07 8.56 -2.76
CA THR C 193 -12.66 8.46 -4.08
C THR C 193 -12.25 7.18 -4.79
N ASN C 194 -13.21 6.50 -5.42
CA ASN C 194 -12.89 5.28 -6.16
C ASN C 194 -13.74 5.13 -7.42
N GLY D 2 0.06 -28.19 54.42
CA GLY D 2 -0.86 -27.08 54.53
C GLY D 2 -1.02 -26.32 53.23
N PRO D 3 -1.91 -25.31 53.24
CA PRO D 3 -2.26 -24.56 52.03
C PRO D 3 -1.07 -23.90 51.37
N LEU D 4 -0.35 -23.05 52.10
CA LEU D 4 0.74 -22.30 51.46
C LEU D 4 1.98 -23.15 51.18
N GLY D 5 2.07 -24.31 51.83
CA GLY D 5 3.11 -25.28 51.48
C GLY D 5 2.79 -25.94 50.15
N SER D 6 1.55 -26.36 49.99
CA SER D 6 1.09 -26.92 48.72
C SER D 6 1.33 -25.92 47.60
N MET D 7 0.93 -24.67 47.83
CA MET D 7 1.10 -23.62 46.84
C MET D 7 2.59 -23.39 46.55
N GLY D 8 3.39 -23.34 47.60
CA GLY D 8 4.83 -23.14 47.47
C GLY D 8 5.47 -24.20 46.59
N ASN D 9 5.20 -25.47 46.87
CA ASN D 9 5.76 -26.56 46.09
C ASN D 9 5.33 -26.53 44.63
N LYS D 10 4.17 -25.95 44.36
CA LYS D 10 3.67 -25.87 43.00
C LYS D 10 4.51 -24.86 42.23
N VAL D 11 4.74 -23.72 42.86
CA VAL D 11 5.55 -22.67 42.30
C VAL D 11 6.98 -23.15 42.10
N ASP D 12 7.52 -23.83 43.11
CA ASP D 12 8.86 -24.39 43.05
C ASP D 12 9.06 -25.23 41.79
N LYS D 13 8.09 -26.07 41.46
CA LYS D 13 8.19 -26.91 40.28
C LYS D 13 8.16 -26.07 39.02
N LEU D 14 7.17 -25.19 38.92
CA LEU D 14 7.00 -24.31 37.77
C LEU D 14 8.27 -23.51 37.46
N ALA D 15 8.95 -23.06 38.51
CA ALA D 15 10.14 -22.22 38.37
C ALA D 15 11.47 -22.99 38.40
N GLY D 16 11.45 -24.21 38.94
CA GLY D 16 12.68 -24.97 39.13
C GLY D 16 13.40 -25.33 37.85
N VAL D 17 14.74 -25.35 37.91
CA VAL D 17 15.57 -25.66 36.75
C VAL D 17 16.52 -26.81 37.06
N GLN D 18 16.62 -27.78 36.15
CA GLN D 18 17.50 -28.94 36.32
C GLN D 18 18.44 -29.10 35.14
N GLU D 19 19.68 -29.49 35.41
CA GLU D 19 20.67 -29.73 34.37
C GLU D 19 20.65 -31.17 33.87
N LEU D 20 20.87 -31.33 32.57
CA LEU D 20 20.97 -32.66 31.97
C LEU D 20 22.01 -32.63 30.85
N SER D 21 23.09 -33.39 31.02
CA SER D 21 24.15 -33.44 30.03
C SER D 21 24.14 -34.73 29.21
N VAL D 22 24.48 -34.61 27.93
N VAL D 22 24.43 -34.62 27.91
CA VAL D 22 24.41 -35.72 26.99
CA VAL D 22 24.45 -35.77 27.02
C VAL D 22 25.49 -35.62 25.91
C VAL D 22 25.55 -35.63 25.98
N TYR D 23 25.97 -36.76 25.42
CA TYR D 23 26.91 -36.77 24.30
C TYR D 23 26.19 -37.18 23.00
N GLU D 24 26.45 -36.44 21.93
CA GLU D 24 25.98 -36.82 20.59
C GLU D 24 27.14 -37.31 19.73
N ILE D 25 27.00 -38.49 19.14
CA ILE D 25 28.09 -39.08 18.36
C ILE D 25 27.61 -39.67 17.05
N ASN D 26 28.27 -39.29 15.96
CA ASN D 26 28.01 -39.86 14.65
C ASN D 26 28.91 -41.07 14.43
N GLU D 27 28.35 -42.26 14.48
CA GLU D 27 29.15 -43.47 14.36
C GLU D 27 29.17 -44.02 12.93
N ARG D 28 28.73 -43.20 11.98
CA ARG D 28 28.87 -43.50 10.56
C ARG D 28 28.06 -44.71 10.11
N ASP D 29 27.00 -45.03 10.85
CA ASP D 29 26.20 -46.22 10.55
C ASP D 29 24.74 -45.91 10.25
N ARG D 30 24.40 -44.62 10.15
CA ARG D 30 23.01 -44.20 9.94
C ARG D 30 22.85 -43.43 8.64
N GLY D 31 23.87 -43.48 7.77
CA GLY D 31 23.85 -42.74 6.51
C GLY D 31 23.74 -41.24 6.69
N SER D 32 24.14 -40.75 7.86
CA SER D 32 24.04 -39.33 8.19
C SER D 32 25.39 -38.62 8.08
N PRO D 33 25.38 -37.35 7.62
CA PRO D 33 24.23 -36.58 7.18
C PRO D 33 24.15 -36.50 5.66
N VAL D 34 23.06 -35.96 5.14
CA VAL D 34 22.90 -35.74 3.70
C VAL D 34 22.92 -34.25 3.38
N ILE D 35 23.81 -33.85 2.48
CA ILE D 35 23.97 -32.44 2.12
C ILE D 35 23.24 -32.11 0.81
N LEU D 36 22.41 -31.07 0.85
CA LEU D 36 21.62 -30.69 -0.31
C LEU D 36 21.71 -29.19 -0.60
N PRO D 37 22.32 -28.81 -1.73
CA PRO D 37 22.30 -27.41 -2.17
C PRO D 37 20.90 -26.97 -2.59
N SER D 51 26.67 -22.29 0.14
CA SER D 51 25.84 -21.11 -0.04
C SER D 51 24.51 -21.25 0.71
N LEU D 52 23.89 -20.13 1.03
CA LEU D 52 22.60 -20.13 1.70
C LEU D 52 21.67 -21.12 1.00
N GLY D 53 20.75 -21.71 1.76
CA GLY D 53 19.74 -22.59 1.18
C GLY D 53 20.01 -24.08 1.31
N ASP D 54 21.29 -24.45 1.38
CA ASP D 54 21.66 -25.86 1.52
C ASP D 54 20.95 -26.49 2.72
N LEU D 55 20.28 -27.63 2.49
CA LEU D 55 19.55 -28.30 3.56
C LEU D 55 20.25 -29.59 3.98
N VAL D 56 20.33 -29.82 5.30
CA VAL D 56 21.07 -30.98 5.83
C VAL D 56 20.28 -31.75 6.89
N PRO D 57 19.64 -32.86 6.49
CA PRO D 57 19.02 -33.79 7.41
C PRO D 57 20.08 -34.61 8.13
N PHE D 58 19.83 -34.97 9.38
CA PHE D 58 20.81 -35.74 10.14
C PHE D 58 20.18 -36.56 11.25
N SER D 59 20.92 -37.55 11.72
CA SER D 59 20.51 -38.38 12.86
C SER D 59 21.73 -39.09 13.44
N ASN D 60 22.06 -38.75 14.68
CA ASN D 60 23.20 -39.35 15.37
C ASN D 60 22.80 -40.08 16.65
N LYS D 61 23.75 -40.76 17.27
CA LYS D 61 23.49 -41.48 18.50
C LYS D 61 23.67 -40.61 19.74
N VAL D 62 22.82 -40.84 20.74
CA VAL D 62 22.85 -40.06 21.98
C VAL D 62 23.19 -40.94 23.18
N TYR D 63 24.23 -40.56 23.93
CA TYR D 63 24.64 -41.28 25.13
C TYR D 63 24.48 -40.39 26.35
N ASP D 64 24.48 -40.99 27.54
CA ASP D 64 24.27 -40.22 28.77
C ASP D 64 25.55 -39.47 29.16
N GLY D 65 25.43 -38.61 30.17
CA GLY D 65 26.53 -37.78 30.61
C GLY D 65 27.72 -38.56 31.13
N SER D 66 27.47 -39.77 31.62
CA SER D 66 28.55 -40.59 32.18
C SER D 66 29.18 -41.50 31.12
N LEU D 67 28.59 -41.51 29.92
CA LEU D 67 29.09 -42.33 28.82
C LEU D 67 28.98 -43.84 29.06
N GLN D 68 28.13 -44.23 30.01
CA GLN D 68 27.93 -45.63 30.32
C GLN D 68 26.62 -46.18 29.75
N ARG D 69 25.81 -45.30 29.18
CA ARG D 69 24.47 -45.70 28.74
C ARG D 69 24.04 -45.07 27.42
N ARG D 70 23.63 -45.91 26.48
CA ARG D 70 23.06 -45.44 25.22
C ARG D 70 21.60 -45.07 25.45
N LEU D 71 21.24 -43.83 25.16
CA LEU D 71 19.89 -43.35 25.45
C LEU D 71 18.98 -43.38 24.23
N GLY D 72 19.51 -42.97 23.08
CA GLY D 72 18.70 -42.84 21.88
C GLY D 72 19.42 -42.15 20.73
N ILE D 73 18.73 -41.23 20.07
CA ILE D 73 19.26 -40.55 18.89
C ILE D 73 18.85 -39.09 18.84
N THR D 74 19.47 -38.34 17.93
CA THR D 74 18.98 -37.04 17.49
C THR D 74 18.36 -37.25 16.13
N ALA D 75 17.53 -36.30 15.71
CA ALA D 75 16.91 -36.37 14.40
C ALA D 75 16.29 -35.04 14.01
N GLY D 76 16.66 -34.54 12.84
CA GLY D 76 16.14 -33.27 12.38
C GLY D 76 16.83 -32.76 11.13
N ILE D 77 16.81 -31.43 10.97
CA ILE D 77 17.40 -30.79 9.79
C ILE D 77 18.09 -29.49 10.14
N CYS D 78 19.13 -29.18 9.38
CA CYS D 78 19.85 -27.90 9.44
C CYS D 78 19.74 -27.21 8.08
N THR D 79 19.60 -25.89 8.10
CA THR D 79 19.61 -25.10 6.88
C THR D 79 20.78 -24.13 6.87
N LEU D 80 21.63 -24.21 5.86
CA LEU D 80 22.82 -23.35 5.76
C LEU D 80 22.41 -21.90 5.49
N ILE D 81 22.83 -20.99 6.35
CA ILE D 81 22.45 -19.59 6.24
C ILE D 81 23.54 -18.71 5.61
N SER D 82 24.76 -18.84 6.10
CA SER D 82 25.85 -18.00 5.61
C SER D 82 27.23 -18.63 5.78
N HIS D 83 28.20 -18.09 5.05
CA HIS D 83 29.59 -18.49 5.14
C HIS D 83 30.39 -17.36 5.80
N ASN D 84 31.28 -17.71 6.71
CA ASN D 84 32.19 -16.74 7.28
C ASN D 84 33.63 -17.04 6.88
N ALA D 85 34.10 -16.37 5.84
CA ALA D 85 35.44 -16.59 5.30
C ALA D 85 36.52 -16.40 6.36
N GLU D 86 36.38 -15.33 7.15
CA GLU D 86 37.35 -15.00 8.19
C GLU D 86 37.55 -16.16 9.18
N LYS D 87 36.46 -16.54 9.84
CA LYS D 87 36.52 -17.56 10.87
C LYS D 87 36.49 -18.98 10.30
N LYS D 88 36.51 -19.08 8.98
CA LYS D 88 36.51 -20.37 8.29
C LYS D 88 35.41 -21.30 8.80
N GLY D 89 34.17 -20.82 8.77
CA GLY D 89 33.04 -21.62 9.22
C GLY D 89 31.72 -21.20 8.61
N ASP D 90 30.67 -21.96 8.93
CA ASP D 90 29.34 -21.70 8.40
C ASP D 90 28.30 -21.61 9.52
N ARG D 91 27.29 -20.78 9.32
CA ARG D 91 26.14 -20.71 10.21
C ARG D 91 24.95 -21.48 9.64
N TYR D 92 24.35 -22.31 10.48
CA TYR D 92 23.14 -23.07 10.13
C TYR D 92 22.01 -22.68 11.08
N GLU D 93 20.77 -22.83 10.63
CA GLU D 93 19.61 -22.75 11.51
C GLU D 93 19.01 -24.15 11.61
N ALA D 94 18.80 -24.63 12.83
CA ALA D 94 18.41 -26.03 13.03
C ALA D 94 17.12 -26.20 13.83
N GLN D 95 16.36 -27.23 13.44
CA GLN D 95 15.21 -27.70 14.20
C GLN D 95 15.36 -29.21 14.34
N TYR D 96 15.53 -29.69 15.58
CA TYR D 96 15.68 -31.12 15.82
C TYR D 96 15.29 -31.60 17.21
N SER D 97 15.33 -32.91 17.42
CA SER D 97 14.90 -33.52 18.68
C SER D 97 15.89 -34.56 19.22
N PHE D 98 15.91 -34.69 20.54
CA PHE D 98 16.69 -35.71 21.23
C PHE D 98 15.73 -36.77 21.80
N TYR D 99 15.91 -38.02 21.39
CA TYR D 99 15.01 -39.10 21.83
C TYR D 99 15.66 -39.97 22.91
N PHE D 100 14.97 -40.14 24.03
CA PHE D 100 15.51 -40.88 25.17
C PHE D 100 14.75 -42.18 25.45
N GLY D 101 14.40 -42.91 24.40
CA GLY D 101 13.61 -44.11 24.57
C GLY D 101 12.30 -43.80 25.29
N ASP D 102 11.92 -44.67 26.23
CA ASP D 102 10.63 -44.52 26.91
C ASP D 102 10.55 -43.30 27.84
N TYR D 103 11.67 -42.65 28.10
CA TYR D 103 11.66 -41.43 28.91
C TYR D 103 10.88 -40.33 28.19
N GLY D 104 10.95 -40.32 26.86
CA GLY D 104 10.35 -39.27 26.05
C GLY D 104 11.40 -38.55 25.22
N HIS D 105 11.09 -37.34 24.79
CA HIS D 105 12.03 -36.60 23.96
C HIS D 105 12.07 -35.11 24.27
N ILE D 106 13.15 -34.45 23.83
CA ILE D 106 13.30 -33.01 23.94
C ILE D 106 13.50 -32.40 22.56
N SER D 107 12.72 -31.36 22.24
CA SER D 107 12.87 -30.67 20.96
C SER D 107 13.63 -29.35 21.10
N VAL D 108 14.41 -29.01 20.07
CA VAL D 108 15.21 -27.79 20.08
C VAL D 108 15.15 -27.02 18.75
N GLN D 109 15.49 -25.73 18.82
CA GLN D 109 15.46 -24.84 17.68
C GLN D 109 16.52 -23.76 17.89
N GLY D 110 17.33 -23.47 16.88
CA GLY D 110 18.34 -22.43 17.01
C GLY D 110 19.58 -22.61 16.15
N PRO D 111 20.66 -21.90 16.49
CA PRO D 111 21.86 -21.86 15.66
C PRO D 111 22.85 -23.00 15.92
N TYR D 112 23.42 -23.51 14.85
CA TYR D 112 24.58 -24.39 14.92
C TYR D 112 25.65 -23.79 14.03
N ILE D 113 26.79 -23.45 14.63
CA ILE D 113 27.87 -22.77 13.93
C ILE D 113 29.14 -23.62 14.03
N THR D 114 29.71 -23.98 12.88
CA THR D 114 30.80 -24.96 12.81
C THR D 114 32.06 -24.54 13.57
N TYR D 115 32.27 -23.25 13.73
CA TYR D 115 33.51 -22.77 14.36
C TYR D 115 33.35 -22.32 15.81
N GLU D 116 32.16 -22.49 16.40
CA GLU D 116 31.97 -22.07 17.79
C GLU D 116 30.73 -22.66 18.46
N ASP D 117 30.76 -22.67 19.79
CA ASP D 117 29.65 -23.15 20.61
C ASP D 117 28.45 -22.20 20.49
N THR D 118 27.25 -22.74 20.64
CA THR D 118 26.04 -21.93 20.61
C THR D 118 25.06 -22.38 21.68
N GLU D 119 23.98 -21.63 21.81
CA GLU D 119 22.88 -22.01 22.68
C GLU D 119 21.61 -22.13 21.85
N LEU D 120 20.86 -23.19 22.10
CA LEU D 120 19.60 -23.39 21.39
C LEU D 120 18.42 -23.31 22.35
N VAL D 121 17.24 -23.05 21.80
CA VAL D 121 16.00 -23.04 22.56
C VAL D 121 15.50 -24.46 22.78
N VAL D 122 15.10 -24.78 24.01
CA VAL D 122 14.34 -26.01 24.25
C VAL D 122 12.86 -25.67 24.09
N THR D 123 12.27 -26.14 23.01
CA THR D 123 10.90 -25.77 22.66
C THR D 123 9.88 -26.56 23.49
N GLY D 124 10.33 -27.66 24.08
CA GLY D 124 9.47 -28.47 24.92
C GLY D 124 9.91 -29.92 24.96
N GLY D 125 9.09 -30.79 25.53
CA GLY D 125 9.40 -32.20 25.62
C GLY D 125 8.17 -33.07 25.82
N THR D 126 8.39 -34.39 25.84
CA THR D 126 7.32 -35.37 26.07
C THR D 126 7.75 -36.33 27.17
N GLY D 127 6.82 -37.17 27.61
CA GLY D 127 7.11 -38.13 28.66
C GLY D 127 7.45 -37.43 29.96
N ILE D 128 8.62 -37.72 30.52
CA ILE D 128 9.04 -37.07 31.76
C ILE D 128 9.45 -35.62 31.53
N PHE D 129 9.67 -35.27 30.26
CA PHE D 129 10.05 -33.91 29.90
C PHE D 129 8.82 -33.04 29.56
N ALA D 130 7.63 -33.61 29.66
CA ALA D 130 6.41 -32.89 29.31
C ALA D 130 6.31 -31.53 30.00
N GLY D 131 6.13 -30.48 29.19
CA GLY D 131 5.93 -29.14 29.70
C GLY D 131 7.20 -28.35 30.01
N CYS D 132 8.36 -28.90 29.67
CA CYS D 132 9.59 -28.21 29.97
C CYS D 132 9.83 -27.03 29.03
N HIS D 133 10.59 -26.05 29.50
CA HIS D 133 11.15 -25.04 28.62
C HIS D 133 12.52 -24.66 29.11
N GLY D 134 13.33 -24.04 28.24
CA GLY D 134 14.67 -23.68 28.64
C GLY D 134 15.63 -23.56 27.48
N VAL D 135 16.88 -23.97 27.70
CA VAL D 135 17.94 -23.81 26.71
C VAL D 135 18.88 -25.00 26.75
N ALA D 136 19.56 -25.23 25.63
CA ALA D 136 20.58 -26.27 25.54
C ALA D 136 21.90 -25.65 25.09
N LYS D 137 22.98 -25.97 25.80
CA LYS D 137 24.30 -25.46 25.42
C LYS D 137 25.05 -26.48 24.58
N LEU D 138 25.30 -26.11 23.33
CA LEU D 138 25.95 -27.02 22.38
C LEU D 138 27.46 -26.78 22.33
N HIS D 139 28.22 -27.83 22.64
CA HIS D 139 29.68 -27.76 22.61
C HIS D 139 30.25 -28.80 21.65
N GLN D 140 31.00 -28.34 20.67
CA GLN D 140 31.56 -29.25 19.67
C GLN D 140 32.92 -29.74 20.13
N ILE D 141 33.07 -31.07 20.25
CA ILE D 141 34.31 -31.67 20.67
C ILE D 141 35.19 -32.00 19.47
N ILE D 142 34.69 -32.87 18.62
CA ILE D 142 35.35 -33.19 17.35
C ILE D 142 34.42 -32.84 16.19
N PHE D 143 34.88 -31.96 15.30
CA PHE D 143 34.07 -31.54 14.17
C PHE D 143 34.04 -32.60 13.05
N PRO D 144 32.83 -33.02 12.66
CA PRO D 144 31.57 -32.64 13.30
C PRO D 144 30.90 -33.84 13.95
N VAL D 145 31.67 -34.88 14.26
CA VAL D 145 31.11 -36.19 14.63
C VAL D 145 30.91 -36.42 16.12
N LYS D 146 31.33 -35.47 16.96
CA LYS D 146 31.19 -35.64 18.41
C LYS D 146 30.89 -34.34 19.13
N LEU D 147 29.72 -34.29 19.78
CA LEU D 147 29.29 -33.10 20.49
C LEU D 147 28.82 -33.40 21.92
N PHE D 148 28.78 -32.34 22.73
CA PHE D 148 28.38 -32.42 24.12
C PHE D 148 27.33 -31.34 24.40
N TYR D 149 26.22 -31.73 24.99
CA TYR D 149 25.16 -30.77 25.32
C TYR D 149 24.89 -30.75 26.82
N THR D 150 24.52 -29.58 27.34
CA THR D 150 23.93 -29.48 28.67
C THR D 150 22.56 -28.80 28.54
N PHE D 151 21.51 -29.51 28.92
CA PHE D 151 20.17 -28.92 28.92
C PHE D 151 19.91 -28.24 30.26
N TYR D 152 19.26 -27.08 30.21
CA TYR D 152 18.77 -26.43 31.42
C TYR D 152 17.24 -26.42 31.36
N LEU D 153 16.63 -27.39 32.04
CA LEU D 153 15.21 -27.65 31.89
C LEU D 153 14.39 -27.06 33.04
N GLN D 154 13.39 -26.26 32.69
CA GLN D 154 12.54 -25.61 33.68
C GLN D 154 11.14 -26.23 33.69
N GLY D 155 10.59 -26.45 34.89
CA GLY D 155 9.18 -26.73 35.05
C GLY D 155 8.72 -28.18 35.11
N ILE D 156 9.64 -29.10 35.33
CA ILE D 156 9.27 -30.51 35.38
C ILE D 156 9.73 -31.19 36.67
N LYS D 157 9.17 -32.36 36.96
CA LYS D 157 9.52 -33.07 38.18
C LYS D 157 10.95 -33.61 38.15
N LYS D 158 11.43 -34.03 39.32
CA LYS D 158 12.80 -34.52 39.47
C LYS D 158 13.17 -35.57 38.43
N LEU D 159 14.27 -35.35 37.71
CA LEU D 159 14.79 -36.32 36.78
C LEU D 159 15.25 -37.59 37.48
N PRO D 160 15.04 -38.76 36.83
CA PRO D 160 15.48 -40.04 37.38
C PRO D 160 17.00 -40.11 37.49
N GLU D 161 17.51 -40.95 38.39
CA GLU D 161 18.94 -41.04 38.64
C GLU D 161 19.73 -41.57 37.45
N GLU D 162 19.13 -42.46 36.67
CA GLU D 162 19.77 -43.00 35.48
C GLU D 162 20.31 -41.90 34.58
N LEU D 163 19.61 -40.78 34.53
CA LEU D 163 19.98 -39.69 33.64
C LEU D 163 20.86 -38.66 34.34
N CYS D 164 21.08 -38.84 35.64
CA CYS D 164 21.83 -37.87 36.43
C CYS D 164 23.14 -38.40 37.02
N ALA D 165 23.75 -39.38 36.38
CA ALA D 165 25.02 -39.90 36.88
C ALA D 165 26.16 -38.91 36.66
N SER D 166 27.24 -39.08 37.41
CA SER D 166 28.40 -38.19 37.33
C SER D 166 28.87 -37.99 35.89
N VAL D 167 28.95 -36.73 35.46
CA VAL D 167 29.26 -36.41 34.07
C VAL D 167 30.75 -36.45 33.76
N VAL D 168 31.11 -37.18 32.71
CA VAL D 168 32.48 -37.16 32.21
C VAL D 168 32.74 -35.85 31.49
N PRO D 169 33.73 -35.07 31.98
CA PRO D 169 34.07 -33.80 31.33
C PRO D 169 34.47 -34.03 29.87
N PRO D 170 33.86 -33.26 28.95
CA PRO D 170 34.04 -33.48 27.50
C PRO D 170 35.47 -33.26 27.01
N SER D 171 35.94 -34.19 26.18
CA SER D 171 37.22 -34.07 25.50
C SER D 171 37.26 -35.06 24.33
N PRO D 172 38.17 -34.84 23.37
CA PRO D 172 38.26 -35.71 22.20
C PRO D 172 38.42 -37.19 22.55
N SER D 173 39.02 -37.50 23.69
CA SER D 173 39.23 -38.89 24.08
C SER D 173 37.98 -39.52 24.71
N ALA D 174 37.00 -38.71 25.06
CA ALA D 174 35.76 -39.20 25.67
C ALA D 174 35.06 -40.20 24.76
N GLU D 175 34.86 -41.41 25.27
CA GLU D 175 34.26 -42.49 24.50
C GLU D 175 33.24 -43.25 25.36
N PRO D 176 32.18 -43.76 24.72
CA PRO D 176 31.17 -44.56 25.44
C PRO D 176 31.73 -45.93 25.78
N SER D 177 31.23 -46.53 26.88
CA SER D 177 31.71 -47.84 27.30
C SER D 177 31.43 -48.89 26.22
N GLU D 178 32.10 -50.03 26.34
CA GLU D 178 31.91 -51.13 25.39
C GLU D 178 30.48 -51.65 25.43
N GLN D 179 29.92 -51.72 26.64
CA GLN D 179 28.56 -52.21 26.84
C GLN D 179 27.53 -51.28 26.19
N ALA D 180 27.66 -49.98 26.44
CA ALA D 180 26.74 -49.00 25.86
C ALA D 180 26.83 -49.00 24.33
N LYS D 181 28.04 -49.14 23.81
CA LYS D 181 28.24 -49.15 22.36
C LYS D 181 27.55 -50.34 21.72
N LYS D 182 27.61 -51.49 22.39
CA LYS D 182 26.96 -52.71 21.91
C LYS D 182 25.51 -52.80 22.37
N CYS D 183 25.01 -51.72 22.96
CA CYS D 183 23.63 -51.66 23.44
C CYS D 183 23.27 -52.83 24.36
N HIS D 184 24.11 -53.08 25.36
CA HIS D 184 23.85 -54.12 26.34
C HIS D 184 22.71 -53.69 27.26
N PRO D 185 21.83 -54.63 27.63
CA PRO D 185 20.66 -54.33 28.46
C PRO D 185 21.00 -53.58 29.75
N SER D 186 22.21 -53.78 30.26
CA SER D 186 22.66 -53.08 31.46
C SER D 186 23.05 -51.64 31.13
N SER D 187 23.21 -51.35 29.85
CA SER D 187 23.74 -50.05 29.45
C SER D 187 22.89 -49.34 28.39
N VAL D 188 21.57 -49.50 28.47
CA VAL D 188 20.66 -48.76 27.59
C VAL D 188 19.46 -48.19 28.36
N ALA D 189 18.90 -47.11 27.84
CA ALA D 189 17.62 -46.60 28.32
C ALA D 189 16.55 -47.59 27.90
N PRO D 190 15.45 -47.67 28.67
CA PRO D 190 14.38 -48.63 28.38
C PRO D 190 13.87 -48.42 26.96
N ASN D 191 13.92 -49.47 26.14
CA ASN D 191 13.58 -49.35 24.72
C ASN D 191 14.27 -48.14 24.09
N PHE D 192 15.58 -48.04 24.27
CA PHE D 192 16.38 -46.95 23.71
C PHE D 192 16.01 -46.70 22.26
N THR D 193 15.93 -45.44 21.87
CA THR D 193 15.53 -45.09 20.51
C THR D 193 16.61 -45.47 19.50
N ASN D 194 16.20 -46.10 18.40
CA ASN D 194 17.15 -46.46 17.36
C ASN D 194 16.54 -46.33 15.97
N GLY E 2 7.94 55.13 3.63
CA GLY E 2 8.77 54.39 4.56
C GLY E 2 8.65 52.89 4.38
N PRO E 3 8.96 52.14 5.44
CA PRO E 3 8.98 50.67 5.43
C PRO E 3 7.63 50.07 5.06
N LEU E 4 6.56 50.54 5.72
CA LEU E 4 5.23 50.02 5.45
C LEU E 4 4.70 50.53 4.11
N GLY E 5 5.19 51.70 3.70
CA GLY E 5 4.85 52.26 2.40
C GLY E 5 5.45 51.46 1.26
N SER E 6 6.75 51.24 1.29
CA SER E 6 7.41 50.43 0.28
C SER E 6 6.77 49.05 0.25
N MET E 7 6.64 48.46 1.43
CA MET E 7 5.98 47.17 1.60
C MET E 7 4.62 47.16 0.91
N GLY E 8 3.80 48.17 1.24
CA GLY E 8 2.49 48.31 0.63
C GLY E 8 2.56 48.35 -0.89
N ASN E 9 3.36 49.29 -1.40
CA ASN E 9 3.56 49.45 -2.85
C ASN E 9 3.87 48.13 -3.55
N LYS E 10 4.66 47.29 -2.89
CA LYS E 10 5.03 46.00 -3.48
C LYS E 10 3.82 45.12 -3.72
N VAL E 11 2.88 45.12 -2.77
CA VAL E 11 1.68 44.31 -2.88
C VAL E 11 0.73 44.88 -3.93
N ASP E 12 0.50 46.19 -3.87
CA ASP E 12 -0.37 46.86 -4.82
C ASP E 12 0.00 46.47 -6.26
N LYS E 13 1.28 46.64 -6.61
CA LYS E 13 1.75 46.37 -7.96
C LYS E 13 1.59 44.91 -8.36
N LEU E 14 1.39 44.05 -7.37
CA LEU E 14 1.22 42.61 -7.62
C LEU E 14 -0.25 42.27 -7.85
N ALA E 15 -1.13 43.25 -7.70
CA ALA E 15 -2.55 43.06 -7.97
C ALA E 15 -3.00 43.87 -9.16
N GLY E 16 -2.03 44.56 -9.78
CA GLY E 16 -2.31 45.38 -10.94
C GLY E 16 -2.33 44.52 -12.20
N VAL E 17 -2.80 45.10 -13.29
CA VAL E 17 -2.91 44.38 -14.55
C VAL E 17 -1.73 44.70 -15.45
N GLN E 18 -1.10 43.67 -16.00
CA GLN E 18 -0.04 43.85 -16.99
C GLN E 18 -0.50 43.31 -18.32
N GLU E 19 -0.24 44.05 -19.40
CA GLU E 19 -0.61 43.60 -20.74
C GLU E 19 0.53 42.83 -21.40
N LEU E 20 0.16 41.77 -22.13
CA LEU E 20 1.13 40.94 -22.83
C LEU E 20 0.55 40.51 -24.17
N SER E 21 1.16 40.97 -25.26
CA SER E 21 0.67 40.64 -26.60
C SER E 21 1.57 39.64 -27.31
N VAL E 22 0.95 38.72 -28.05
CA VAL E 22 1.67 37.71 -28.81
C VAL E 22 0.98 37.45 -30.15
N TYR E 23 1.74 36.88 -31.09
CA TYR E 23 1.17 36.43 -32.35
C TYR E 23 1.16 34.91 -32.39
N GLU E 24 0.03 34.33 -32.81
CA GLU E 24 -0.03 32.88 -33.04
C GLU E 24 -0.15 32.60 -34.53
N ILE E 25 0.80 31.86 -35.08
CA ILE E 25 0.83 31.61 -36.51
C ILE E 25 0.93 30.12 -36.83
N ASN E 26 0.00 29.62 -37.63
CA ASN E 26 0.09 28.27 -38.16
C ASN E 26 0.92 28.31 -39.44
N GLU E 27 2.17 27.87 -39.34
CA GLU E 27 3.06 27.89 -40.50
C GLU E 27 2.99 26.56 -41.27
N ARG E 28 1.99 25.74 -40.96
CA ARG E 28 1.73 24.49 -41.67
C ARG E 28 2.96 23.60 -41.79
N ASP E 29 3.68 23.46 -40.69
CA ASP E 29 4.88 22.63 -40.66
C ASP E 29 4.77 21.57 -39.57
N ARG E 30 3.63 21.51 -38.90
CA ARG E 30 3.45 20.66 -37.73
C ARG E 30 2.28 19.67 -37.84
N GLY E 31 1.77 19.45 -39.05
CA GLY E 31 0.63 18.58 -39.24
C GLY E 31 -0.62 19.07 -38.52
N SER E 32 -0.61 20.35 -38.12
CA SER E 32 -1.70 20.95 -37.38
C SER E 32 -2.51 21.92 -38.24
N PRO E 33 -3.83 21.99 -38.01
CA PRO E 33 -4.58 21.23 -37.01
C PRO E 33 -5.07 19.90 -37.54
N VAL E 34 -5.54 19.03 -36.65
CA VAL E 34 -6.07 17.76 -37.06
C VAL E 34 -7.57 17.74 -36.86
N ILE E 35 -8.32 17.37 -37.90
CA ILE E 35 -9.76 17.27 -37.78
C ILE E 35 -10.18 15.85 -37.45
N LEU E 36 -10.80 15.67 -36.30
CA LEU E 36 -11.38 14.39 -35.91
C LEU E 36 -12.90 14.48 -36.09
N PRO E 37 -13.40 13.99 -37.24
CA PRO E 37 -14.80 14.14 -37.67
C PRO E 37 -15.73 13.17 -36.95
N PHE E 38 -15.70 13.21 -35.62
CA PHE E 38 -16.48 12.26 -34.83
C PHE E 38 -17.98 12.56 -34.86
N GLY E 39 -18.32 13.81 -35.19
CA GLY E 39 -19.71 14.17 -35.43
C GLY E 39 -20.33 13.29 -36.51
N GLY E 40 -19.50 12.83 -37.43
CA GLY E 40 -19.92 11.86 -38.44
C GLY E 40 -20.97 12.32 -39.45
N LYS E 41 -21.15 13.63 -39.58
CA LYS E 41 -22.14 14.16 -40.51
C LYS E 41 -21.58 14.25 -41.94
N LYS E 42 -22.46 14.13 -42.92
CA LYS E 42 -22.07 14.22 -44.32
C LYS E 42 -23.06 15.00 -45.17
N ASP E 43 -22.56 15.79 -46.11
CA ASP E 43 -23.39 16.63 -46.97
C ASP E 43 -23.94 15.86 -48.16
N GLU E 44 -24.53 16.59 -49.10
CA GLU E 44 -25.15 15.99 -50.28
C GLU E 44 -24.14 15.25 -51.17
N ASN E 45 -22.86 15.58 -51.02
CA ASN E 45 -21.81 14.96 -51.82
C ASN E 45 -21.15 13.77 -51.14
N GLY E 46 -21.52 13.53 -49.89
CA GLY E 46 -20.89 12.47 -49.11
C GLY E 46 -19.54 12.89 -48.58
N ALA E 47 -19.29 14.19 -48.60
CA ALA E 47 -18.09 14.76 -47.99
C ALA E 47 -18.35 15.04 -46.50
N HIS E 48 -17.30 15.36 -45.76
CA HIS E 48 -17.45 15.70 -44.35
C HIS E 48 -18.25 16.99 -44.20
N ALA E 49 -19.13 17.02 -43.20
CA ALA E 49 -19.85 18.24 -42.86
C ALA E 49 -19.78 18.45 -41.34
N ASN E 50 -19.59 19.70 -40.94
CA ASN E 50 -19.48 20.04 -39.52
C ASN E 50 -20.70 19.61 -38.72
N SER E 51 -20.46 19.14 -37.49
CA SER E 51 -21.55 18.88 -36.56
C SER E 51 -21.02 18.73 -35.14
N LEU E 52 -21.91 18.95 -34.17
N LEU E 52 -21.90 18.95 -34.17
CA LEU E 52 -21.56 18.81 -32.76
CA LEU E 52 -21.54 18.83 -32.76
C LEU E 52 -20.84 17.47 -32.57
C LEU E 52 -20.88 17.48 -32.49
N GLY E 53 -19.63 17.52 -32.02
CA GLY E 53 -18.88 16.30 -31.78
C GLY E 53 -17.53 16.23 -32.47
N ASP E 54 -17.36 16.99 -33.54
CA ASP E 54 -16.05 17.04 -34.19
C ASP E 54 -15.04 17.66 -33.21
N LEU E 55 -13.84 17.10 -33.18
CA LEU E 55 -12.79 17.60 -32.29
C LEU E 55 -11.59 18.02 -33.12
N VAL E 56 -10.93 19.08 -32.67
CA VAL E 56 -9.79 19.65 -33.40
C VAL E 56 -8.59 19.91 -32.48
N PRO E 57 -7.70 18.91 -32.35
CA PRO E 57 -6.40 19.10 -31.71
C PRO E 57 -5.52 20.00 -32.56
N PHE E 58 -4.71 20.84 -31.92
CA PHE E 58 -3.87 21.78 -32.65
C PHE E 58 -2.63 22.21 -31.86
N SER E 59 -1.63 22.68 -32.59
CA SER E 59 -0.44 23.31 -32.01
C SER E 59 0.15 24.27 -33.04
N ASN E 60 0.26 25.55 -32.69
CA ASN E 60 0.84 26.56 -33.58
C ASN E 60 2.07 27.23 -32.96
N LYS E 61 2.78 28.03 -33.76
CA LYS E 61 3.92 28.78 -33.23
C LYS E 61 3.49 30.09 -32.57
N VAL E 62 4.25 30.51 -31.58
CA VAL E 62 3.99 31.78 -30.88
C VAL E 62 5.18 32.71 -30.98
N TYR E 63 4.94 33.92 -31.51
CA TYR E 63 5.97 34.97 -31.55
C TYR E 63 5.63 36.11 -30.62
N ASP E 64 6.64 36.88 -30.22
CA ASP E 64 6.39 38.01 -29.32
C ASP E 64 5.65 39.14 -30.05
N GLY E 65 5.24 40.14 -29.29
CA GLY E 65 4.47 41.25 -29.82
C GLY E 65 5.16 42.05 -30.90
N SER E 66 6.48 42.09 -30.89
CA SER E 66 7.23 42.86 -31.87
C SER E 66 7.58 42.01 -33.09
N LEU E 67 7.13 40.75 -33.08
CA LEU E 67 7.38 39.83 -34.18
C LEU E 67 8.86 39.63 -34.45
N GLN E 68 9.70 39.93 -33.47
CA GLN E 68 11.15 39.80 -33.63
C GLN E 68 11.72 38.57 -32.93
N ARG E 69 10.88 37.89 -32.13
CA ARG E 69 11.38 36.79 -31.32
C ARG E 69 10.39 35.62 -31.29
N ARG E 70 10.89 34.41 -31.52
CA ARG E 70 10.09 33.20 -31.39
C ARG E 70 10.06 32.76 -29.92
N LEU E 71 8.86 32.67 -29.35
CA LEU E 71 8.74 32.37 -27.92
C LEU E 71 8.49 30.91 -27.63
N GLY E 72 7.58 30.28 -28.40
CA GLY E 72 7.20 28.90 -28.15
C GLY E 72 6.10 28.42 -29.07
N ILE E 73 5.11 27.74 -28.49
CA ILE E 73 3.99 27.19 -29.24
C ILE E 73 2.71 27.28 -28.40
N THR E 74 1.57 27.11 -29.06
CA THR E 74 0.33 26.82 -28.36
C THR E 74 0.08 25.31 -28.49
N ALA E 75 -0.76 24.76 -27.63
CA ALA E 75 -1.14 23.34 -27.71
C ALA E 75 -2.44 23.09 -26.96
N GLY E 76 -3.35 22.36 -27.59
CA GLY E 76 -4.62 22.03 -26.96
C GLY E 76 -5.62 21.48 -27.95
N ILE E 77 -6.89 21.74 -27.69
CA ILE E 77 -7.97 21.15 -28.46
C ILE E 77 -9.22 22.04 -28.43
N CYS E 78 -9.99 21.98 -29.52
CA CYS E 78 -11.26 22.68 -29.68
C CYS E 78 -12.37 21.67 -29.91
N THR E 79 -13.52 21.91 -29.28
CA THR E 79 -14.71 21.08 -29.54
C THR E 79 -15.72 21.91 -30.31
N LEU E 80 -16.17 21.41 -31.46
CA LEU E 80 -17.15 22.13 -32.26
C LEU E 80 -18.50 22.11 -31.53
N ILE E 81 -19.14 23.27 -31.45
CA ILE E 81 -20.37 23.42 -30.68
C ILE E 81 -21.58 23.68 -31.56
N SER E 82 -21.45 24.66 -32.46
CA SER E 82 -22.54 24.98 -33.38
C SER E 82 -22.00 25.48 -34.72
N HIS E 83 -22.86 25.46 -35.73
CA HIS E 83 -22.44 25.79 -37.09
C HIS E 83 -23.64 26.00 -38.00
N ASN E 84 -23.39 26.62 -39.15
CA ASN E 84 -24.36 26.69 -40.23
C ASN E 84 -23.66 26.94 -41.56
N ALA E 85 -24.43 27.28 -42.59
CA ALA E 85 -23.88 27.38 -43.94
C ALA E 85 -22.96 28.58 -44.15
N GLU E 86 -22.95 29.51 -43.20
CA GLU E 86 -22.15 30.72 -43.32
C GLU E 86 -20.72 30.53 -42.79
N LYS E 87 -19.78 31.27 -43.36
CA LYS E 87 -18.38 31.21 -42.91
C LYS E 87 -18.27 31.67 -41.46
N LYS E 88 -18.97 32.76 -41.15
CA LYS E 88 -18.86 33.44 -39.87
C LYS E 88 -19.80 32.83 -38.84
N GLY E 89 -19.34 32.68 -37.61
CA GLY E 89 -20.22 32.34 -36.50
C GLY E 89 -20.19 30.91 -35.98
N ASP E 90 -19.40 30.04 -36.61
CA ASP E 90 -19.20 28.70 -36.08
C ASP E 90 -18.54 28.75 -34.71
N ARG E 91 -19.16 28.12 -33.71
CA ARG E 91 -18.64 28.17 -32.34
C ARG E 91 -17.89 26.91 -31.91
N TYR E 92 -16.74 27.11 -31.29
CA TYR E 92 -15.98 26.02 -30.67
C TYR E 92 -15.76 26.35 -29.20
N GLU E 93 -15.55 25.32 -28.39
CA GLU E 93 -15.11 25.49 -27.00
C GLU E 93 -13.70 24.93 -26.87
N ALA E 94 -12.77 25.77 -26.39
CA ALA E 94 -11.35 25.42 -26.42
C ALA E 94 -10.71 25.36 -25.05
N GLN E 95 -9.76 24.44 -24.88
CA GLN E 95 -8.86 24.46 -23.74
C GLN E 95 -7.45 24.29 -24.27
N TYR E 96 -6.58 25.26 -24.00
CA TYR E 96 -5.19 25.17 -24.44
C TYR E 96 -4.22 26.05 -23.66
N SER E 97 -2.93 25.86 -23.93
CA SER E 97 -1.88 26.62 -23.25
C SER E 97 -0.92 27.26 -24.24
N PHE E 98 -0.33 28.39 -23.81
CA PHE E 98 0.75 29.05 -24.53
C PHE E 98 2.06 28.75 -23.81
N TYR E 99 3.04 28.24 -24.55
CA TYR E 99 4.34 27.92 -23.95
C TYR E 99 5.43 28.92 -24.35
N PHE E 100 6.09 29.51 -23.35
CA PHE E 100 7.10 30.55 -23.58
C PHE E 100 8.51 30.07 -23.27
N GLY E 101 8.81 28.81 -23.56
CA GLY E 101 10.10 28.25 -23.21
C GLY E 101 10.35 28.32 -21.71
N ASP E 102 11.56 28.69 -21.31
CA ASP E 102 11.93 28.69 -19.89
C ASP E 102 11.20 29.72 -19.04
N TYR E 103 10.50 30.67 -19.67
CA TYR E 103 9.69 31.62 -18.92
C TYR E 103 8.51 30.93 -18.22
N GLY E 104 7.98 29.89 -18.85
CA GLY E 104 6.83 29.17 -18.32
C GLY E 104 5.70 29.13 -19.32
N HIS E 105 4.48 28.90 -18.83
CA HIS E 105 3.32 28.86 -19.73
C HIS E 105 2.08 29.49 -19.12
N ILE E 106 1.10 29.76 -19.97
CA ILE E 106 -0.18 30.32 -19.59
C ILE E 106 -1.28 29.42 -20.14
N SER E 107 -2.25 29.04 -19.30
CA SER E 107 -3.37 28.20 -19.76
C SER E 107 -4.65 29.02 -19.93
N VAL E 108 -5.47 28.62 -20.89
CA VAL E 108 -6.71 29.33 -21.17
C VAL E 108 -7.89 28.40 -21.47
N GLN E 109 -9.09 28.93 -21.31
CA GLN E 109 -10.31 28.16 -21.50
C GLN E 109 -11.38 29.12 -21.99
N GLY E 110 -12.10 28.74 -23.04
CA GLY E 110 -13.16 29.59 -23.55
C GLY E 110 -13.50 29.43 -25.02
N PRO E 111 -14.18 30.44 -25.59
CA PRO E 111 -14.76 30.34 -26.93
C PRO E 111 -13.82 30.76 -28.05
N TYR E 112 -13.88 30.00 -29.14
CA TYR E 112 -13.27 30.38 -30.40
C TYR E 112 -14.37 30.36 -31.46
N ILE E 113 -14.61 31.49 -32.10
CA ILE E 113 -15.71 31.63 -33.07
C ILE E 113 -15.15 32.12 -34.41
N THR E 114 -15.45 31.40 -35.49
CA THR E 114 -14.88 31.75 -36.78
C THR E 114 -15.23 33.16 -37.21
N TYR E 115 -14.20 33.92 -37.59
CA TYR E 115 -14.35 35.27 -38.10
C TYR E 115 -14.95 36.25 -37.07
N GLU E 116 -14.77 35.94 -35.79
CA GLU E 116 -15.21 36.83 -34.72
C GLU E 116 -14.19 36.88 -33.59
N ASP E 117 -13.95 38.08 -33.06
CA ASP E 117 -13.09 38.25 -31.90
C ASP E 117 -13.77 37.70 -30.65
N THR E 118 -13.01 37.06 -29.77
CA THR E 118 -13.56 36.59 -28.51
C THR E 118 -12.63 36.86 -27.34
N GLU E 119 -13.13 36.59 -26.13
CA GLU E 119 -12.33 36.70 -24.93
C GLU E 119 -12.32 35.37 -24.19
N LEU E 120 -11.14 34.91 -23.81
N LEU E 120 -11.14 34.92 -23.81
CA LEU E 120 -11.03 33.65 -23.07
CA LEU E 120 -10.96 33.67 -23.08
C LEU E 120 -10.52 33.88 -21.66
C LEU E 120 -10.62 33.95 -21.62
N VAL E 121 -10.78 32.92 -20.78
CA VAL E 121 -10.34 32.97 -19.39
C VAL E 121 -8.88 32.56 -19.31
N VAL E 122 -8.09 33.34 -18.56
CA VAL E 122 -6.75 32.89 -18.21
C VAL E 122 -6.88 32.10 -16.91
N THR E 123 -6.68 30.80 -16.96
CA THR E 123 -6.93 29.95 -15.79
C THR E 123 -5.73 29.89 -14.86
N GLY E 124 -4.57 30.35 -15.33
CA GLY E 124 -3.37 30.35 -14.51
C GLY E 124 -2.10 30.28 -15.34
N GLY E 125 -0.96 30.15 -14.67
CA GLY E 125 0.33 30.11 -15.35
C GLY E 125 1.38 29.42 -14.51
N THR E 126 2.56 29.20 -15.11
CA THR E 126 3.70 28.67 -14.37
C THR E 126 4.92 29.53 -14.63
N GLY E 127 5.99 29.29 -13.89
CA GLY E 127 7.19 30.09 -14.02
C GLY E 127 6.93 31.54 -13.65
N ILE E 128 7.24 32.46 -14.56
CA ILE E 128 7.04 33.87 -14.26
C ILE E 128 5.55 34.23 -14.28
N PHE E 129 4.74 33.30 -14.79
CA PHE E 129 3.29 33.51 -14.79
C PHE E 129 2.58 32.79 -13.65
N ALA E 130 3.34 32.16 -12.76
CA ALA E 130 2.75 31.36 -11.68
C ALA E 130 1.73 32.15 -10.85
N GLY E 131 0.52 31.62 -10.76
CA GLY E 131 -0.51 32.20 -9.91
C GLY E 131 -1.24 33.37 -10.54
N CYS E 132 -1.05 33.58 -11.84
CA CYS E 132 -1.73 34.67 -12.53
C CYS E 132 -3.21 34.37 -12.74
N HIS E 133 -3.98 35.43 -12.95
CA HIS E 133 -5.39 35.30 -13.32
C HIS E 133 -5.75 36.42 -14.29
N GLY E 134 -6.87 36.28 -14.99
CA GLY E 134 -7.29 37.34 -15.90
C GLY E 134 -7.94 36.84 -17.18
N VAL E 135 -7.79 37.62 -18.25
CA VAL E 135 -8.43 37.30 -19.53
C VAL E 135 -7.48 37.47 -20.71
N ALA E 136 -7.79 36.81 -21.83
CA ALA E 136 -7.03 36.96 -23.06
C ALA E 136 -7.96 37.33 -24.20
N LYS E 137 -7.61 38.38 -24.93
CA LYS E 137 -8.41 38.81 -26.08
C LYS E 137 -7.86 38.20 -27.38
N LEU E 138 -8.70 37.43 -28.06
CA LEU E 138 -8.31 36.73 -29.27
C LEU E 138 -8.76 37.51 -30.50
N HIS E 139 -7.81 37.87 -31.36
CA HIS E 139 -8.16 38.53 -32.61
C HIS E 139 -7.63 37.77 -33.81
N GLN E 140 -8.53 37.42 -34.74
CA GLN E 140 -8.14 36.68 -35.95
C GLN E 140 -7.75 37.65 -37.04
N ILE E 141 -6.52 37.52 -37.54
CA ILE E 141 -6.06 38.40 -38.62
C ILE E 141 -6.26 37.76 -39.99
N ILE E 142 -5.75 36.54 -40.16
CA ILE E 142 -6.03 35.75 -41.35
C ILE E 142 -6.59 34.40 -40.94
N PHE E 143 -7.87 34.18 -41.18
CA PHE E 143 -8.51 32.94 -40.81
C PHE E 143 -8.07 31.79 -41.70
N PRO E 144 -7.58 30.70 -41.10
CA PRO E 144 -7.44 30.57 -39.64
C PRO E 144 -5.98 30.39 -39.24
N VAL E 145 -5.06 30.98 -40.00
CA VAL E 145 -3.63 30.71 -39.80
C VAL E 145 -2.85 31.79 -39.06
N LYS E 146 -3.45 32.97 -38.86
CA LYS E 146 -2.73 34.03 -38.15
C LYS E 146 -3.64 34.79 -37.19
N LEU E 147 -3.30 34.71 -35.90
CA LEU E 147 -4.07 35.34 -34.82
C LEU E 147 -3.20 36.25 -33.95
N PHE E 148 -3.85 37.14 -33.21
CA PHE E 148 -3.17 38.08 -32.32
C PHE E 148 -3.87 38.08 -30.97
N TYR E 149 -3.11 38.02 -29.89
CA TYR E 149 -3.68 38.01 -28.55
C TYR E 149 -3.09 39.12 -27.68
N THR E 150 -3.93 39.71 -26.82
CA THR E 150 -3.43 40.49 -25.70
C THR E 150 -3.89 39.84 -24.41
N PHE E 151 -2.94 39.45 -23.55
CA PHE E 151 -3.24 38.92 -22.23
C PHE E 151 -3.32 40.06 -21.22
N TYR E 152 -4.29 39.99 -20.30
CA TYR E 152 -4.35 40.94 -19.19
C TYR E 152 -4.15 40.20 -17.88
N LEU E 153 -2.91 40.21 -17.39
CA LEU E 153 -2.50 39.33 -16.30
C LEU E 153 -2.37 40.06 -14.97
N GLN E 154 -2.84 39.42 -13.90
CA GLN E 154 -2.72 39.99 -12.55
C GLN E 154 -2.07 38.99 -11.59
N GLY E 155 -1.42 39.52 -10.56
CA GLY E 155 -0.93 38.68 -9.48
C GLY E 155 0.48 38.19 -9.69
N ILE E 156 1.17 38.75 -10.69
CA ILE E 156 2.53 38.33 -10.98
C ILE E 156 3.51 39.50 -10.99
N LYS E 157 4.80 39.18 -10.92
CA LYS E 157 5.85 40.20 -10.93
C LYS E 157 5.94 40.88 -12.29
N LYS E 158 6.68 41.99 -12.33
CA LYS E 158 6.89 42.75 -13.56
C LYS E 158 7.47 41.87 -14.67
N LEU E 159 6.80 41.83 -15.82
CA LEU E 159 7.26 41.06 -16.96
C LEU E 159 8.63 41.55 -17.44
N PRO E 160 9.51 40.62 -17.86
CA PRO E 160 10.84 40.96 -18.34
C PRO E 160 10.79 41.73 -19.66
N GLU E 161 11.83 42.50 -19.92
CA GLU E 161 11.89 43.37 -21.10
C GLU E 161 11.74 42.62 -22.41
N GLU E 162 12.26 41.40 -22.44
CA GLU E 162 12.22 40.59 -23.66
C GLU E 162 10.80 40.28 -24.13
N LEU E 163 9.84 40.41 -23.21
CA LEU E 163 8.44 40.09 -23.52
C LEU E 163 7.56 41.33 -23.68
N CYS E 164 8.16 42.52 -23.54
CA CYS E 164 7.39 43.77 -23.56
C CYS E 164 7.82 44.74 -24.66
N ALA E 165 8.50 44.24 -25.69
CA ALA E 165 8.95 45.12 -26.77
C ALA E 165 7.76 45.78 -27.47
N SER E 166 8.03 46.89 -28.15
N SER E 166 8.04 46.89 -28.15
CA SER E 166 7.01 47.63 -28.89
CA SER E 166 7.01 47.63 -28.88
C SER E 166 6.18 46.71 -29.78
C SER E 166 6.18 46.73 -29.79
N VAL E 167 4.86 46.77 -29.63
CA VAL E 167 3.97 45.87 -30.36
C VAL E 167 3.66 46.32 -31.79
N VAL E 168 3.84 45.41 -32.74
CA VAL E 168 3.43 45.65 -34.12
C VAL E 168 1.92 45.57 -34.22
N PRO E 169 1.29 46.61 -34.77
CA PRO E 169 -0.17 46.58 -34.95
C PRO E 169 -0.57 45.39 -35.84
N PRO E 170 -1.56 44.60 -35.41
CA PRO E 170 -1.98 43.42 -36.16
C PRO E 170 -2.58 43.77 -37.53
N SER E 171 -2.09 43.12 -38.57
CA SER E 171 -2.64 43.26 -39.91
C SER E 171 -2.18 42.07 -40.73
N PRO E 172 -2.86 41.80 -41.86
CA PRO E 172 -2.53 40.63 -42.69
C PRO E 172 -1.06 40.57 -43.10
N SER E 173 -0.43 41.72 -43.29
CA SER E 173 0.96 41.76 -43.75
C SER E 173 1.97 41.59 -42.61
N ALA E 174 1.50 41.65 -41.37
CA ALA E 174 2.38 41.50 -40.22
C ALA E 174 3.09 40.15 -40.25
N GLU E 175 4.42 40.17 -40.30
CA GLU E 175 5.21 38.96 -40.42
C GLU E 175 6.37 38.94 -39.42
N PRO E 176 6.76 37.75 -38.95
CA PRO E 176 7.92 37.60 -38.07
C PRO E 176 9.21 37.81 -38.87
N SER E 177 10.26 38.29 -38.21
CA SER E 177 11.55 38.47 -38.87
C SER E 177 12.07 37.14 -39.41
N GLU E 178 12.98 37.22 -40.38
CA GLU E 178 13.60 36.02 -40.92
C GLU E 178 14.41 35.30 -39.85
N GLN E 179 15.10 36.07 -39.02
CA GLN E 179 15.90 35.54 -37.91
C GLN E 179 15.04 34.85 -36.86
N ALA E 180 13.83 35.35 -36.65
CA ALA E 180 12.90 34.72 -35.73
C ALA E 180 12.33 33.43 -36.33
N LYS E 181 11.98 33.48 -37.61
CA LYS E 181 11.41 32.32 -38.27
C LYS E 181 12.40 31.16 -38.34
N LYS E 182 13.68 31.48 -38.42
CA LYS E 182 14.74 30.47 -38.48
C LYS E 182 15.23 30.05 -37.11
N CYS E 183 14.67 30.66 -36.07
CA CYS E 183 15.07 30.35 -34.69
C CYS E 183 16.55 30.64 -34.42
N HIS E 184 17.05 31.73 -34.98
CA HIS E 184 18.42 32.16 -34.74
C HIS E 184 18.60 32.42 -33.25
N PRO E 185 19.74 31.99 -32.70
CA PRO E 185 20.02 32.13 -31.26
C PRO E 185 19.71 33.52 -30.73
N SER E 186 19.83 34.54 -31.58
CA SER E 186 19.58 35.92 -31.15
C SER E 186 18.09 36.25 -31.12
N SER E 187 17.27 35.39 -31.72
CA SER E 187 15.86 35.68 -31.91
C SER E 187 14.94 34.58 -31.35
N VAL E 188 15.27 34.06 -30.18
CA VAL E 188 14.46 33.04 -29.54
C VAL E 188 14.44 33.21 -28.03
N ALA E 189 13.35 32.80 -27.39
CA ALA E 189 13.28 32.73 -25.94
C ALA E 189 14.19 31.59 -25.47
N PRO E 190 14.72 31.72 -24.24
CA PRO E 190 15.58 30.68 -23.66
C PRO E 190 14.94 29.29 -23.72
N ASN E 191 15.54 28.38 -24.45
CA ASN E 191 14.99 27.04 -24.62
C ASN E 191 13.56 27.08 -25.14
N PHE E 192 13.35 27.94 -26.14
CA PHE E 192 12.03 28.14 -26.73
C PHE E 192 11.32 26.81 -27.01
N THR E 193 10.02 26.78 -26.77
CA THR E 193 9.25 25.55 -26.92
C THR E 193 9.02 25.18 -28.39
N ASN E 194 9.31 23.93 -28.74
CA ASN E 194 9.08 23.46 -30.11
C ASN E 194 8.46 22.07 -30.16
N GLY F 2 -13.01 57.31 6.59
CA GLY F 2 -12.45 58.37 5.77
C GLY F 2 -11.92 57.87 4.44
N PRO F 3 -11.01 58.64 3.84
CA PRO F 3 -10.43 58.34 2.53
C PRO F 3 -9.75 56.97 2.48
N LEU F 4 -9.01 56.62 3.52
CA LEU F 4 -8.33 55.32 3.59
C LEU F 4 -9.31 54.22 4.00
N GLY F 5 -10.38 54.62 4.67
CA GLY F 5 -11.45 53.70 5.01
C GLY F 5 -12.23 53.29 3.77
N SER F 6 -12.47 54.23 2.94
CA SER F 6 -13.15 53.97 1.66
C SER F 6 -12.31 53.04 0.78
N MET F 7 -11.03 53.33 0.65
CA MET F 7 -10.11 52.47 -0.08
C MET F 7 -10.22 51.04 0.43
N GLY F 8 -10.10 50.90 1.75
CA GLY F 8 -10.27 49.61 2.40
C GLY F 8 -11.56 48.96 1.96
N ASN F 9 -12.68 49.49 2.44
CA ASN F 9 -13.99 48.92 2.12
C ASN F 9 -14.06 48.45 0.68
N LYS F 10 -13.63 49.28 -0.27
CA LYS F 10 -13.82 48.93 -1.67
C LYS F 10 -13.10 47.63 -2.00
N VAL F 11 -11.88 47.51 -1.50
CA VAL F 11 -11.12 46.29 -1.63
C VAL F 11 -11.76 45.13 -0.89
N ASP F 12 -12.30 45.39 0.30
CA ASP F 12 -12.83 44.29 1.10
C ASP F 12 -13.97 43.56 0.40
N LYS F 13 -14.95 44.29 -0.12
CA LYS F 13 -16.03 43.64 -0.86
C LYS F 13 -15.48 42.86 -2.05
N LEU F 14 -14.52 43.43 -2.77
CA LEU F 14 -13.96 42.77 -3.95
C LEU F 14 -13.27 41.46 -3.57
N ALA F 15 -13.31 41.12 -2.29
CA ALA F 15 -12.82 39.82 -1.84
C ALA F 15 -13.96 38.99 -1.29
N GLY F 16 -15.17 39.56 -1.35
CA GLY F 16 -16.35 38.89 -0.83
C GLY F 16 -16.88 37.84 -1.78
N VAL F 17 -17.93 37.15 -1.36
CA VAL F 17 -18.51 36.07 -2.15
C VAL F 17 -19.90 36.48 -2.63
N GLN F 18 -20.15 36.27 -3.92
CA GLN F 18 -21.48 36.51 -4.48
C GLN F 18 -22.10 35.23 -5.01
N GLU F 19 -23.40 35.05 -4.75
CA GLU F 19 -24.13 33.88 -5.24
C GLU F 19 -24.88 34.19 -6.52
N LEU F 20 -24.83 33.26 -7.46
CA LEU F 20 -25.55 33.38 -8.72
C LEU F 20 -26.13 32.03 -9.09
N SER F 21 -27.45 31.96 -9.24
CA SER F 21 -28.08 30.70 -9.61
C SER F 21 -28.66 30.74 -11.03
N VAL F 22 -28.50 29.65 -11.76
CA VAL F 22 -29.06 29.52 -13.10
C VAL F 22 -29.63 28.13 -13.34
N TYR F 23 -30.43 27.99 -14.40
CA TYR F 23 -30.95 26.71 -14.81
C TYR F 23 -30.37 26.29 -16.17
N GLU F 24 -29.92 25.04 -16.27
CA GLU F 24 -29.51 24.47 -17.54
C GLU F 24 -30.57 23.50 -18.04
N ILE F 25 -31.03 23.70 -19.28
CA ILE F 25 -32.06 22.84 -19.82
C ILE F 25 -31.74 22.36 -21.24
N ASN F 26 -31.85 21.05 -21.45
CA ASN F 26 -31.71 20.48 -22.78
C ASN F 26 -33.07 20.44 -23.46
N GLU F 27 -33.33 21.41 -24.32
CA GLU F 27 -34.63 21.48 -24.99
C GLU F 27 -34.65 20.66 -26.28
N ARG F 28 -33.63 19.84 -26.47
CA ARG F 28 -33.61 18.85 -27.54
C ARG F 28 -33.57 19.46 -28.95
N ASP F 29 -33.10 20.69 -29.08
CA ASP F 29 -33.12 21.37 -30.37
C ASP F 29 -31.73 21.72 -30.90
N ARG F 30 -30.70 21.26 -30.20
CA ARG F 30 -29.32 21.59 -30.59
C ARG F 30 -28.51 20.34 -30.91
N GLY F 31 -29.20 19.24 -31.20
CA GLY F 31 -28.56 17.98 -31.48
C GLY F 31 -27.65 17.50 -30.37
N SER F 32 -27.96 17.88 -29.14
CA SER F 32 -27.11 17.58 -27.99
C SER F 32 -27.82 16.63 -27.02
N PRO F 33 -27.07 15.76 -26.34
CA PRO F 33 -25.61 15.63 -26.47
C PRO F 33 -25.23 14.54 -27.48
N VAL F 34 -23.94 14.44 -27.79
CA VAL F 34 -23.44 13.42 -28.71
C VAL F 34 -22.55 12.42 -27.98
N ILE F 35 -22.84 11.14 -28.17
CA ILE F 35 -22.13 10.07 -27.49
C ILE F 35 -21.08 9.41 -28.38
N LEU F 36 -19.81 9.60 -28.04
CA LEU F 36 -18.71 8.94 -28.75
C LEU F 36 -18.26 7.72 -27.95
N PRO F 37 -18.69 6.52 -28.38
CA PRO F 37 -18.49 5.28 -27.63
C PRO F 37 -17.07 4.74 -27.75
N PHE F 38 -16.09 5.62 -27.57
CA PHE F 38 -14.70 5.26 -27.77
C PHE F 38 -14.12 4.42 -26.62
N GLY F 39 -14.83 4.40 -25.50
CA GLY F 39 -14.43 3.59 -24.36
C GLY F 39 -14.97 2.18 -24.43
N ALA F 49 -21.57 -0.95 -23.57
CA ALA F 49 -21.56 -0.67 -22.14
C ALA F 49 -20.60 0.48 -21.80
N ASN F 50 -21.12 1.48 -21.08
CA ASN F 50 -20.33 2.65 -20.71
C ASN F 50 -19.02 2.27 -20.00
N SER F 51 -17.92 2.87 -20.44
CA SER F 51 -16.62 2.58 -19.85
C SER F 51 -15.63 3.72 -20.07
N LEU F 52 -14.48 3.65 -19.39
N LEU F 52 -14.49 3.65 -19.39
CA LEU F 52 -13.47 4.70 -19.48
CA LEU F 52 -13.46 4.68 -19.49
C LEU F 52 -13.03 4.91 -20.92
C LEU F 52 -13.04 4.91 -20.94
N GLY F 53 -13.23 6.12 -21.43
CA GLY F 53 -12.86 6.46 -22.79
C GLY F 53 -13.95 7.18 -23.58
N ASP F 54 -15.21 6.92 -23.25
CA ASP F 54 -16.31 7.56 -23.95
C ASP F 54 -16.26 9.08 -23.79
N LEU F 55 -16.51 9.80 -24.87
CA LEU F 55 -16.48 11.27 -24.84
C LEU F 55 -17.84 11.85 -25.23
N VAL F 56 -18.22 12.95 -24.59
CA VAL F 56 -19.54 13.54 -24.79
C VAL F 56 -19.52 15.06 -24.92
N PRO F 57 -19.40 15.57 -26.16
CA PRO F 57 -19.59 17.01 -26.41
C PRO F 57 -21.03 17.38 -26.13
N PHE F 58 -21.28 18.59 -25.63
CA PHE F 58 -22.65 18.97 -25.30
C PHE F 58 -22.85 20.49 -25.27
N SER F 59 -24.10 20.90 -25.40
CA SER F 59 -24.46 22.32 -25.34
C SER F 59 -25.95 22.47 -25.09
N ASN F 60 -26.30 23.04 -23.94
CA ASN F 60 -27.69 23.25 -23.54
C ASN F 60 -28.00 24.74 -23.33
N LYS F 61 -29.26 25.06 -23.11
CA LYS F 61 -29.67 26.45 -22.85
C LYS F 61 -29.55 26.83 -21.37
N VAL F 62 -29.32 28.11 -21.11
CA VAL F 62 -29.20 28.61 -19.74
C VAL F 62 -30.22 29.70 -19.45
N TYR F 63 -31.00 29.51 -18.39
CA TYR F 63 -31.97 30.52 -17.94
C TYR F 63 -31.58 31.06 -16.57
N ASP F 64 -32.03 32.27 -16.26
CA ASP F 64 -31.73 32.89 -14.96
C ASP F 64 -32.44 32.16 -13.83
N GLY F 65 -32.11 32.53 -12.60
CA GLY F 65 -32.66 31.89 -11.41
C GLY F 65 -34.17 31.94 -11.31
N SER F 66 -34.78 33.01 -11.78
CA SER F 66 -36.23 33.16 -11.68
C SER F 66 -36.94 32.51 -12.85
N LEU F 67 -36.16 31.94 -13.77
CA LEU F 67 -36.72 31.25 -14.94
C LEU F 67 -37.54 32.16 -15.83
N GLN F 68 -37.22 33.45 -15.81
CA GLN F 68 -37.93 34.44 -16.60
C GLN F 68 -37.05 35.05 -17.70
N ARG F 69 -35.78 34.64 -17.72
CA ARG F 69 -34.84 35.17 -18.72
C ARG F 69 -33.99 34.07 -19.33
N ARG F 70 -33.95 34.05 -20.66
CA ARG F 70 -32.97 33.22 -21.36
C ARG F 70 -31.64 33.95 -21.32
N LEU F 71 -30.63 33.31 -20.72
CA LEU F 71 -29.33 33.94 -20.50
C LEU F 71 -28.34 33.62 -21.62
N GLY F 72 -28.30 32.35 -22.02
CA GLY F 72 -27.37 31.91 -23.04
C GLY F 72 -27.33 30.40 -23.15
N ILE F 73 -26.12 29.84 -23.05
CA ILE F 73 -25.91 28.41 -23.21
C ILE F 73 -24.74 27.88 -22.36
N THR F 74 -24.70 26.56 -22.20
CA THR F 74 -23.49 25.86 -21.76
C THR F 74 -22.81 25.28 -23.01
N ALA F 75 -21.49 25.09 -22.94
CA ALA F 75 -20.75 24.46 -24.04
C ALA F 75 -19.44 23.84 -23.56
N GLY F 76 -19.20 22.60 -23.92
CA GLY F 76 -18.01 21.89 -23.49
C GLY F 76 -18.02 20.41 -23.80
N ILE F 77 -17.32 19.62 -22.98
CA ILE F 77 -17.16 18.20 -23.21
C ILE F 77 -16.95 17.41 -21.91
N CYS F 78 -17.45 16.18 -21.90
CA CYS F 78 -17.34 15.28 -20.75
C CYS F 78 -16.59 14.02 -21.16
N THR F 79 -15.70 13.55 -20.30
CA THR F 79 -15.04 12.26 -20.52
C THR F 79 -15.58 11.27 -19.50
N LEU F 80 -16.09 10.13 -19.97
CA LEU F 80 -16.61 9.11 -19.07
C LEU F 80 -15.45 8.40 -18.38
N ILE F 81 -15.48 8.34 -17.05
CA ILE F 81 -14.37 7.79 -16.26
C ILE F 81 -14.65 6.39 -15.72
N SER F 82 -15.84 6.17 -15.19
CA SER F 82 -16.18 4.87 -14.61
C SER F 82 -17.68 4.68 -14.45
N HIS F 83 -18.10 3.43 -14.49
CA HIS F 83 -19.50 3.05 -14.25
C HIS F 83 -19.61 2.49 -12.84
N ASN F 84 -20.63 2.94 -12.12
CA ASN F 84 -20.91 2.39 -10.80
C ASN F 84 -22.15 1.51 -10.81
N ALA F 85 -21.95 0.20 -10.77
CA ALA F 85 -23.06 -0.76 -10.80
C ALA F 85 -23.95 -0.60 -9.57
N GLU F 86 -23.32 -0.36 -8.43
CA GLU F 86 -24.02 -0.23 -7.16
C GLU F 86 -25.00 0.94 -7.15
N LYS F 87 -24.53 2.10 -7.63
CA LYS F 87 -25.32 3.32 -7.66
C LYS F 87 -26.09 3.48 -8.97
N LYS F 88 -25.91 2.54 -9.88
CA LYS F 88 -26.55 2.61 -11.20
C LYS F 88 -26.36 3.99 -11.84
N GLY F 89 -25.10 4.35 -12.11
CA GLY F 89 -24.79 5.61 -12.75
C GLY F 89 -23.31 5.70 -13.11
N ASP F 90 -22.90 6.85 -13.64
CA ASP F 90 -21.53 7.01 -14.11
C ASP F 90 -20.83 8.27 -13.62
N ARG F 91 -19.51 8.19 -13.54
CA ARG F 91 -18.68 9.36 -13.24
C ARG F 91 -18.05 9.92 -14.51
N TYR F 92 -18.24 11.22 -14.74
CA TYR F 92 -17.61 11.93 -15.85
C TYR F 92 -16.63 12.98 -15.31
N GLU F 93 -15.66 13.38 -16.13
CA GLU F 93 -14.83 14.55 -15.86
C GLU F 93 -15.13 15.58 -16.94
N ALA F 94 -15.48 16.80 -16.54
CA ALA F 94 -16.00 17.79 -17.48
C ALA F 94 -15.21 19.10 -17.53
N GLN F 95 -15.11 19.67 -18.73
CA GLN F 95 -14.59 21.02 -18.92
C GLN F 95 -15.55 21.79 -19.82
N TYR F 96 -16.15 22.84 -19.29
CA TYR F 96 -17.10 23.63 -20.07
C TYR F 96 -17.30 25.06 -19.55
N SER F 97 -18.09 25.82 -20.30
CA SER F 97 -18.35 27.22 -19.96
C SER F 97 -19.83 27.56 -19.99
N PHE F 98 -20.21 28.54 -19.19
CA PHE F 98 -21.54 29.14 -19.21
C PHE F 98 -21.44 30.52 -19.87
N TYR F 99 -22.22 30.72 -20.93
CA TYR F 99 -22.22 31.98 -21.67
C TYR F 99 -23.47 32.80 -21.39
N PHE F 100 -23.26 34.04 -20.96
CA PHE F 100 -24.35 34.94 -20.55
C PHE F 100 -24.52 36.12 -21.52
N GLY F 101 -24.35 35.88 -22.81
CA GLY F 101 -24.44 36.97 -23.77
C GLY F 101 -23.39 38.04 -23.49
N ASP F 102 -23.76 39.30 -23.71
CA ASP F 102 -22.81 40.40 -23.53
C ASP F 102 -22.24 40.50 -22.10
N TYR F 103 -22.88 39.84 -21.14
CA TYR F 103 -22.39 39.83 -19.76
C TYR F 103 -21.00 39.20 -19.66
N GLY F 104 -20.73 38.22 -20.51
CA GLY F 104 -19.48 37.48 -20.46
C GLY F 104 -19.73 36.01 -20.24
N HIS F 105 -18.71 35.28 -19.81
CA HIS F 105 -18.87 33.85 -19.56
C HIS F 105 -18.10 33.40 -18.32
N ILE F 106 -18.44 32.20 -17.84
CA ILE F 106 -17.75 31.58 -16.71
C ILE F 106 -17.31 30.18 -17.11
N SER F 107 -16.05 29.82 -16.82
CA SER F 107 -15.55 28.50 -17.17
C SER F 107 -15.45 27.61 -15.94
N VAL F 108 -15.70 26.31 -16.13
CA VAL F 108 -15.71 25.36 -15.01
C VAL F 108 -14.98 24.06 -15.36
N GLN F 109 -14.50 23.40 -14.31
CA GLN F 109 -13.76 22.16 -14.46
C GLN F 109 -14.09 21.28 -13.27
N GLY F 110 -14.37 20.01 -13.52
CA GLY F 110 -14.68 19.11 -12.42
C GLY F 110 -15.61 17.96 -12.74
N PRO F 111 -16.12 17.29 -11.70
CA PRO F 111 -16.88 16.04 -11.84
C PRO F 111 -18.36 16.24 -12.13
N TYR F 112 -18.89 15.39 -13.00
CA TYR F 112 -20.33 15.27 -13.21
C TYR F 112 -20.72 13.82 -13.00
N ILE F 113 -21.54 13.56 -11.98
CA ILE F 113 -21.90 12.20 -11.63
C ILE F 113 -23.42 12.04 -11.75
N THR F 114 -23.85 11.08 -12.57
CA THR F 114 -25.26 10.97 -12.95
C THR F 114 -26.20 10.68 -11.79
N TYR F 115 -25.67 10.16 -10.68
CA TYR F 115 -26.54 9.78 -9.56
C TYR F 115 -26.46 10.67 -8.32
N GLU F 116 -25.67 11.74 -8.36
CA GLU F 116 -25.56 12.64 -7.21
C GLU F 116 -24.98 14.03 -7.53
N ASP F 117 -25.24 14.99 -6.64
CA ASP F 117 -24.75 16.36 -6.78
C ASP F 117 -23.24 16.43 -6.64
N THR F 118 -22.64 17.37 -7.35
CA THR F 118 -21.19 17.57 -7.24
C THR F 118 -20.83 19.05 -7.16
N GLU F 119 -19.56 19.32 -6.91
CA GLU F 119 -19.05 20.69 -6.88
C GLU F 119 -17.95 20.83 -7.93
N LEU F 120 -18.01 21.90 -8.71
CA LEU F 120 -17.04 22.16 -9.77
C LEU F 120 -16.17 23.35 -9.45
N VAL F 121 -14.96 23.37 -10.01
CA VAL F 121 -14.08 24.52 -9.90
C VAL F 121 -14.51 25.60 -10.89
N VAL F 122 -14.58 26.84 -10.41
CA VAL F 122 -14.73 27.99 -11.30
C VAL F 122 -13.34 28.50 -11.66
N THR F 123 -12.89 28.21 -12.88
CA THR F 123 -11.53 28.49 -13.30
C THR F 123 -11.30 29.98 -13.60
N GLY F 124 -12.38 30.70 -13.87
CA GLY F 124 -12.31 32.13 -14.15
C GLY F 124 -13.52 32.59 -14.95
N GLY F 125 -13.50 33.85 -15.39
CA GLY F 125 -14.57 34.40 -16.20
C GLY F 125 -14.11 35.57 -17.08
N THR F 126 -15.04 36.08 -17.91
CA THR F 126 -14.79 37.25 -18.74
C THR F 126 -15.92 38.26 -18.52
N GLY F 127 -15.77 39.46 -19.05
CA GLY F 127 -16.79 40.49 -18.90
C GLY F 127 -16.91 40.89 -17.45
N ILE F 128 -18.14 41.02 -16.96
CA ILE F 128 -18.38 41.32 -15.55
C ILE F 128 -17.84 40.21 -14.64
N PHE F 129 -17.50 39.06 -15.24
CA PHE F 129 -16.96 37.95 -14.46
C PHE F 129 -15.44 37.88 -14.51
N ALA F 130 -14.81 38.86 -15.15
CA ALA F 130 -13.35 38.85 -15.31
C ALA F 130 -12.62 38.74 -13.97
N GLY F 131 -11.73 37.76 -13.86
CA GLY F 131 -10.93 37.60 -12.66
C GLY F 131 -11.59 36.85 -11.52
N CYS F 132 -12.83 36.40 -11.73
CA CYS F 132 -13.55 35.68 -10.68
C CYS F 132 -12.88 34.36 -10.32
N HIS F 133 -13.09 33.91 -9.09
CA HIS F 133 -12.67 32.59 -8.64
C HIS F 133 -13.74 32.00 -7.72
N GLY F 134 -13.72 30.67 -7.54
CA GLY F 134 -14.66 30.04 -6.63
C GLY F 134 -15.10 28.65 -7.01
N VAL F 135 -16.33 28.30 -6.64
CA VAL F 135 -16.87 26.98 -6.95
C VAL F 135 -18.30 27.08 -7.46
N ALA F 136 -18.79 26.01 -8.06
CA ALA F 136 -20.16 25.94 -8.54
C ALA F 136 -20.80 24.63 -8.10
N LYS F 137 -21.98 24.72 -7.51
CA LYS F 137 -22.70 23.55 -7.06
C LYS F 137 -23.64 23.05 -8.16
N LEU F 138 -23.44 21.80 -8.57
CA LEU F 138 -24.23 21.20 -9.63
C LEU F 138 -25.34 20.33 -9.04
N HIS F 139 -26.58 20.63 -9.39
CA HIS F 139 -27.72 19.85 -8.90
C HIS F 139 -28.60 19.37 -10.05
N GLN F 140 -28.64 18.05 -10.24
CA GLN F 140 -29.44 17.47 -11.31
C GLN F 140 -30.89 17.26 -10.85
N ILE F 141 -31.83 17.74 -11.65
CA ILE F 141 -33.25 17.64 -11.32
C ILE F 141 -33.90 16.51 -12.11
N ILE F 142 -33.67 16.52 -13.42
CA ILE F 142 -34.19 15.47 -14.30
C ILE F 142 -33.07 14.99 -15.21
N PHE F 143 -32.66 13.74 -15.01
CA PHE F 143 -31.57 13.16 -15.79
C PHE F 143 -31.99 12.87 -17.23
N PRO F 144 -31.24 13.41 -18.20
CA PRO F 144 -30.15 14.36 -17.99
C PRO F 144 -30.48 15.74 -18.58
N VAL F 145 -31.76 16.07 -18.65
CA VAL F 145 -32.19 17.25 -19.42
C VAL F 145 -32.39 18.54 -18.61
N LYS F 146 -32.31 18.46 -17.29
CA LYS F 146 -32.58 19.64 -16.47
C LYS F 146 -31.72 19.69 -15.21
N LEU F 147 -30.86 20.71 -15.14
CA LEU F 147 -29.99 20.90 -13.97
C LEU F 147 -30.12 22.30 -13.37
N PHE F 148 -29.59 22.43 -12.15
CA PHE F 148 -29.62 23.68 -11.41
C PHE F 148 -28.23 23.94 -10.83
N TYR F 149 -27.72 25.16 -11.02
CA TYR F 149 -26.40 25.51 -10.52
C TYR F 149 -26.43 26.73 -9.61
N THR F 150 -25.61 26.70 -8.56
CA THR F 150 -25.31 27.90 -7.81
C THR F 150 -23.80 28.17 -7.84
N PHE F 151 -23.42 29.29 -8.45
CA PHE F 151 -22.03 29.74 -8.45
C PHE F 151 -21.74 30.57 -7.20
N TYR F 152 -20.58 30.31 -6.59
CA TYR F 152 -20.09 31.13 -5.49
C TYR F 152 -18.84 31.89 -5.97
N LEU F 153 -19.01 33.16 -6.31
CA LEU F 153 -17.99 33.91 -7.03
C LEU F 153 -17.30 34.97 -6.17
N GLN F 154 -15.97 34.99 -6.22
CA GLN F 154 -15.19 36.01 -5.52
C GLN F 154 -14.33 36.83 -6.47
N GLY F 155 -14.03 38.07 -6.09
CA GLY F 155 -13.09 38.91 -6.81
C GLY F 155 -13.68 39.84 -7.86
N ILE F 156 -15.00 39.95 -7.92
CA ILE F 156 -15.63 40.76 -8.96
C ILE F 156 -16.63 41.78 -8.40
N LYS F 157 -16.98 42.77 -9.23
CA LYS F 157 -17.95 43.79 -8.84
C LYS F 157 -19.32 43.20 -8.52
N LYS F 158 -20.16 44.00 -7.90
CA LYS F 158 -21.54 43.63 -7.61
C LYS F 158 -22.26 43.25 -8.89
N LEU F 159 -22.83 42.04 -8.93
CA LEU F 159 -23.55 41.59 -10.13
C LEU F 159 -24.76 42.49 -10.38
N PRO F 160 -25.14 42.65 -11.65
CA PRO F 160 -26.31 43.47 -12.00
C PRO F 160 -27.60 42.83 -11.47
N GLU F 161 -28.63 43.65 -11.25
CA GLU F 161 -29.86 43.16 -10.64
C GLU F 161 -30.64 42.23 -11.57
N GLU F 162 -30.31 42.24 -12.86
CA GLU F 162 -30.94 41.33 -13.81
C GLU F 162 -30.60 39.87 -13.51
N LEU F 163 -29.41 39.65 -12.97
CA LEU F 163 -28.92 38.31 -12.68
C LEU F 163 -29.20 37.89 -11.24
N CYS F 164 -29.87 38.75 -10.50
CA CYS F 164 -30.11 38.50 -9.08
C CYS F 164 -31.59 38.55 -8.73
N ALA F 165 -32.43 38.01 -9.61
CA ALA F 165 -33.86 37.91 -9.31
C ALA F 165 -34.07 36.84 -8.26
N SER F 166 -35.24 36.85 -7.61
CA SER F 166 -35.55 35.82 -6.62
C SER F 166 -35.55 34.45 -7.28
N VAL F 167 -34.82 33.52 -6.68
CA VAL F 167 -34.62 32.21 -7.28
C VAL F 167 -35.80 31.27 -7.04
N VAL F 168 -36.24 30.61 -8.11
CA VAL F 168 -37.29 29.61 -8.00
C VAL F 168 -36.68 28.32 -7.49
N PRO F 169 -37.23 27.77 -6.40
CA PRO F 169 -36.72 26.51 -5.84
C PRO F 169 -36.70 25.41 -6.89
N PRO F 170 -35.54 24.77 -7.08
CA PRO F 170 -35.43 23.73 -8.11
C PRO F 170 -36.40 22.57 -7.85
N SER F 171 -37.16 22.19 -8.87
CA SER F 171 -38.04 21.04 -8.81
C SER F 171 -38.30 20.52 -10.23
N PRO F 172 -38.77 19.27 -10.34
CA PRO F 172 -39.06 18.72 -11.68
C PRO F 172 -40.07 19.55 -12.45
N SER F 173 -40.90 20.32 -11.75
CA SER F 173 -41.93 21.12 -12.40
C SER F 173 -41.47 22.52 -12.80
N ALA F 174 -40.26 22.89 -12.38
CA ALA F 174 -39.69 24.20 -12.70
C ALA F 174 -39.57 24.41 -14.21
N GLU F 175 -40.24 25.44 -14.72
CA GLU F 175 -40.24 25.73 -16.15
C GLU F 175 -39.90 27.19 -16.44
N PRO F 176 -39.27 27.44 -17.61
CA PRO F 176 -39.03 28.82 -18.05
C PRO F 176 -40.35 29.46 -18.48
N SER F 177 -40.46 30.78 -18.38
CA SER F 177 -41.65 31.46 -18.86
C SER F 177 -41.79 31.29 -20.36
N GLU F 178 -43.01 31.46 -20.87
CA GLU F 178 -43.26 31.33 -22.30
C GLU F 178 -42.54 32.42 -23.08
N GLN F 179 -42.37 33.58 -22.47
CA GLN F 179 -41.65 34.69 -23.10
C GLN F 179 -40.17 34.33 -23.28
N ALA F 180 -39.57 33.80 -22.21
CA ALA F 180 -38.17 33.41 -22.24
C ALA F 180 -37.91 32.28 -23.24
N LYS F 181 -38.82 31.31 -23.29
CA LYS F 181 -38.72 30.21 -24.24
C LYS F 181 -38.69 30.72 -25.68
N LYS F 182 -39.58 31.67 -25.97
CA LYS F 182 -39.66 32.24 -27.31
C LYS F 182 -38.58 33.30 -27.55
N CYS F 183 -37.77 33.57 -26.54
CA CYS F 183 -36.69 34.55 -26.67
C CYS F 183 -37.23 35.95 -26.97
N HIS F 184 -38.37 36.27 -26.38
CA HIS F 184 -38.95 37.60 -26.50
C HIS F 184 -37.97 38.63 -25.96
N PRO F 185 -37.84 39.78 -26.65
CA PRO F 185 -36.88 40.82 -26.28
C PRO F 185 -36.96 41.19 -24.79
N SER F 186 -38.16 41.14 -24.23
CA SER F 186 -38.36 41.50 -22.84
C SER F 186 -37.80 40.46 -21.87
N SER F 187 -37.44 39.29 -22.40
CA SER F 187 -37.08 38.16 -21.54
C SER F 187 -35.77 37.50 -21.94
N VAL F 188 -34.84 38.30 -22.44
CA VAL F 188 -33.53 37.80 -22.83
C VAL F 188 -32.43 38.73 -22.34
N ALA F 189 -31.25 38.17 -22.09
CA ALA F 189 -30.07 38.97 -21.76
C ALA F 189 -29.61 39.70 -23.02
N PRO F 190 -28.83 40.77 -22.85
CA PRO F 190 -28.33 41.51 -24.02
C PRO F 190 -27.55 40.58 -24.95
N ASN F 191 -28.02 40.46 -26.19
CA ASN F 191 -27.40 39.56 -27.16
C ASN F 191 -27.15 38.19 -26.56
N PHE F 192 -28.20 37.61 -25.98
CA PHE F 192 -28.13 36.29 -25.35
C PHE F 192 -27.41 35.30 -26.27
N THR F 193 -26.59 34.44 -25.68
CA THR F 193 -25.80 33.49 -26.46
C THR F 193 -26.69 32.37 -27.00
N ASN F 194 -26.55 32.07 -28.28
CA ASN F 194 -27.30 30.99 -28.89
C ASN F 194 -26.51 30.27 -29.99
#